data_7F22
#
_entry.id   7F22
#
_cell.length_a   132.604
_cell.length_b   132.604
_cell.length_c   91.766
_cell.angle_alpha   90.00
_cell.angle_beta   90.00
_cell.angle_gamma   90.00
#
_symmetry.space_group_name_H-M   'I 4'
#
loop_
_entity.id
_entity.type
_entity.pdbx_description
1 polymer 'L-lactate oxidase'
2 non-polymer 'FLAVIN MONONUCLEOTIDE'
3 non-polymer 'PYRUVIC ACID'
4 water water
#
_entity_poly.entity_id   1
_entity_poly.type   'polypeptide(L)'
_entity_poly.pdbx_seq_one_letter_code
;EYNAPSEIKYIDVVNTYDLEEEASKVVPHGGFNYIAGASGDEWTKRANDRAWKHKLLYPRLAQDVEAPDTSTEILGHKIK
APFIMAPIAAHGLAHTTKEAGTARAVSEFGTIMSISAYSGATFEEISEGLNGGPRWFQIYMAKDDQQNRDILDEAKSDGA
TAIILTADSTVSGNRDRDVKNKFVYPFGMPIVQRYLRGTAEGMSLNNIYGASKQKISPRDIEEIAAHSGLPVFVKGIQHP
EDADMAIKRGASGIWVSNHGARQLYEAPGSFDTLPAIAERVNKRVPIVFDSGVRRGEHVAKALASGADVVALGRPVLFGL
ALGGWQGAYSVLDYFQKDLTRVMQLTGSQNVEDLKGLDLFDNPYGYEYEYNAPSEIKYIDVVNTYDLEEEASKVVPHGGF
NYIAGASGDEWTKRANDRAWKHKLLYPRLAQDVEAPDTSTEILGHKIKAPFIMAPIAAHGLAHTTKEAGTARAVSEFGTI
MSISAYSGATFEEISEGLNGGPRWFQIYMAKDDQQNRDILDEAKSDGATAIILTADSTVSGNRDRDVKNKFVYPFGMPIV
QRYLRGTAEGMSLNNIYGASKQKISPRDIEEIAAHSGLPVFVKGIQHPEDADMAIKRGASGIWVSNHGARQLYEAPGSFD
TLPAIAERVNKRVPIVFDSGVRRGEHVAKALASGADVVALGRPVLFGLALGGWQGAYSVLDYFQKDLTRVMQLTGSQNVE
DLKGLDLFDNPYGYEY
;
_entity_poly.pdbx_strand_id   A,B
#
# COMPACT_ATOMS: atom_id res chain seq x y z
N GLU A 1 29.25 -38.77 -12.74
CA GLU A 1 29.52 -37.67 -13.73
C GLU A 1 29.55 -36.31 -13.01
N TYR A 2 29.00 -36.20 -11.79
CA TYR A 2 28.89 -34.92 -11.03
C TYR A 2 28.96 -35.16 -9.53
N ASN A 3 30.01 -34.64 -8.91
CA ASN A 3 30.30 -34.92 -7.48
C ASN A 3 30.00 -33.65 -6.68
N ALA A 4 28.74 -33.50 -6.32
CA ALA A 4 28.32 -32.33 -5.52
C ALA A 4 28.85 -32.50 -4.11
N PRO A 5 29.11 -31.40 -3.38
CA PRO A 5 29.34 -31.48 -1.94
C PRO A 5 28.20 -32.22 -1.21
N SER A 6 28.53 -32.89 -0.09
CA SER A 6 27.56 -33.67 0.71
C SER A 6 27.64 -33.35 2.20
N GLU A 7 28.59 -32.55 2.63
CA GLU A 7 28.83 -32.27 4.07
C GLU A 7 27.67 -31.44 4.59
N ILE A 8 27.23 -31.72 5.80
CA ILE A 8 26.16 -30.92 6.46
C ILE A 8 26.81 -30.29 7.69
N LYS A 9 26.81 -28.96 7.74
CA LYS A 9 27.39 -28.24 8.89
C LYS A 9 26.89 -26.79 8.89
N TYR A 10 26.79 -26.22 10.07
CA TYR A 10 26.60 -24.77 10.20
C TYR A 10 27.89 -24.10 9.77
N ILE A 11 27.75 -22.86 9.29
CA ILE A 11 28.90 -22.04 8.86
C ILE A 11 28.76 -20.64 9.48
N ASP A 12 29.90 -20.01 9.75
CA ASP A 12 29.94 -18.67 10.37
C ASP A 12 29.94 -17.65 9.23
N VAL A 13 28.80 -17.01 8.94
CA VAL A 13 28.69 -16.10 7.77
C VAL A 13 29.05 -14.67 8.23
N VAL A 14 30.18 -14.15 7.76
CA VAL A 14 30.64 -12.75 8.03
C VAL A 14 29.91 -11.84 7.02
N ASN A 15 29.81 -12.30 5.79
CA ASN A 15 29.06 -11.59 4.71
C ASN A 15 28.77 -12.59 3.60
N THR A 16 27.79 -12.30 2.76
CA THR A 16 27.37 -13.29 1.75
C THR A 16 28.26 -13.23 0.52
N TYR A 17 29.02 -12.17 0.31
CA TYR A 17 29.89 -12.07 -0.89
C TYR A 17 30.97 -13.15 -0.79
N ASP A 18 31.55 -13.29 0.39
CA ASP A 18 32.64 -14.28 0.62
C ASP A 18 32.10 -15.70 0.36
N LEU A 19 30.78 -15.95 0.41
CA LEU A 19 30.25 -17.33 0.13
C LEU A 19 30.50 -17.76 -1.30
N GLU A 20 30.45 -16.86 -2.27
CA GLU A 20 30.65 -17.18 -3.70
C GLU A 20 32.03 -17.82 -3.90
N GLU A 21 33.12 -17.14 -3.52
CA GLU A 21 34.50 -17.65 -3.66
C GLU A 21 34.58 -18.93 -2.84
N GLU A 22 33.99 -18.97 -1.64
CA GLU A 22 34.13 -20.22 -0.84
C GLU A 22 33.41 -21.36 -1.56
N ALA A 23 32.21 -21.15 -2.09
CA ALA A 23 31.48 -22.21 -2.81
C ALA A 23 32.25 -22.64 -4.08
N SER A 24 32.96 -21.73 -4.75
CA SER A 24 33.74 -22.04 -5.97
C SER A 24 34.79 -23.12 -5.67
N LYS A 25 35.20 -23.24 -4.41
CA LYS A 25 36.23 -24.24 -4.05
C LYS A 25 35.64 -25.65 -3.91
N VAL A 26 34.33 -25.81 -3.70
CA VAL A 26 33.73 -27.14 -3.39
C VAL A 26 32.75 -27.59 -4.48
N VAL A 27 32.18 -26.69 -5.29
CA VAL A 27 31.18 -27.07 -6.31
C VAL A 27 31.92 -27.31 -7.62
N PRO A 28 31.63 -28.40 -8.35
CA PRO A 28 32.26 -28.65 -9.64
C PRO A 28 32.16 -27.40 -10.52
N HIS A 29 33.19 -27.16 -11.34
CA HIS A 29 33.36 -25.92 -12.13
C HIS A 29 32.10 -25.61 -12.96
N GLY A 30 31.59 -26.55 -13.74
CA GLY A 30 30.43 -26.27 -14.61
C GLY A 30 29.24 -25.83 -13.78
N GLY A 31 28.91 -26.58 -12.74
CA GLY A 31 27.72 -26.29 -11.92
C GLY A 31 27.91 -24.98 -11.19
N PHE A 32 29.11 -24.70 -10.73
CA PHE A 32 29.36 -23.45 -9.97
C PHE A 32 29.12 -22.26 -10.90
N ASN A 33 29.65 -22.32 -12.11
CA ASN A 33 29.53 -21.22 -13.07
C ASN A 33 28.07 -21.12 -13.55
N TYR A 34 27.30 -22.19 -13.62
CA TYR A 34 25.84 -22.17 -13.85
C TYR A 34 25.16 -21.37 -12.76
N ILE A 35 25.50 -21.61 -11.50
CA ILE A 35 24.84 -20.88 -10.39
C ILE A 35 25.30 -19.41 -10.38
N ALA A 36 26.60 -19.17 -10.45
CA ALA A 36 27.17 -17.83 -10.22
C ALA A 36 26.94 -16.93 -11.43
N GLY A 37 26.95 -17.45 -12.65
CA GLY A 37 27.09 -16.61 -13.84
C GLY A 37 25.82 -15.85 -14.18
N ALA A 38 25.94 -14.99 -15.19
CA ALA A 38 24.81 -14.14 -15.60
C ALA A 38 25.04 -13.76 -17.06
N SER A 39 24.13 -12.99 -17.63
CA SER A 39 24.15 -12.73 -19.09
C SER A 39 25.29 -11.81 -19.48
N GLY A 40 25.74 -11.99 -20.72
CA GLY A 40 26.79 -11.12 -21.28
C GLY A 40 28.05 -11.15 -20.46
N ASP A 41 28.63 -9.98 -20.21
CA ASP A 41 29.82 -9.82 -19.36
C ASP A 41 29.40 -9.57 -17.92
N GLU A 42 28.14 -9.82 -17.57
CA GLU A 42 27.62 -9.72 -16.18
C GLU A 42 27.49 -8.27 -15.73
N TRP A 43 27.49 -7.31 -16.65
CA TRP A 43 27.33 -5.88 -16.26
C TRP A 43 26.00 -5.69 -15.54
N THR A 44 24.93 -6.36 -15.95
CA THR A 44 23.63 -6.17 -15.25
C THR A 44 23.63 -6.89 -13.90
N LYS A 45 24.40 -7.98 -13.73
CA LYS A 45 24.53 -8.57 -12.38
C LYS A 45 25.27 -7.59 -11.48
N ARG A 46 26.31 -6.95 -11.98
CA ARG A 46 27.02 -5.90 -11.21
C ARG A 46 26.03 -4.75 -10.97
N ALA A 47 25.17 -4.38 -11.91
CA ALA A 47 24.23 -3.29 -11.68
C ALA A 47 23.24 -3.67 -10.55
N ASN A 48 22.82 -4.93 -10.50
CA ASN A 48 21.95 -5.38 -9.40
C ASN A 48 22.62 -5.07 -8.07
N ASP A 49 23.92 -5.34 -7.98
CA ASP A 49 24.66 -5.14 -6.71
C ASP A 49 24.90 -3.64 -6.45
N ARG A 50 25.30 -2.89 -7.45
CA ARG A 50 25.67 -1.46 -7.30
C ARG A 50 24.41 -0.64 -7.08
N ALA A 51 23.25 -1.10 -7.50
CA ALA A 51 22.01 -0.32 -7.37
C ALA A 51 21.77 0.04 -5.89
N TRP A 52 22.19 -0.82 -4.98
CA TRP A 52 21.94 -0.60 -3.52
C TRP A 52 22.63 0.69 -3.08
N LYS A 53 23.70 1.11 -3.77
CA LYS A 53 24.39 2.35 -3.37
C LYS A 53 23.68 3.56 -3.90
N HIS A 54 22.62 3.43 -4.68
CA HIS A 54 21.92 4.62 -5.21
C HIS A 54 21.00 5.29 -4.17
N LYS A 55 20.61 4.52 -3.17
CA LYS A 55 19.65 4.95 -2.14
C LYS A 55 20.24 4.50 -0.82
N LEU A 56 20.62 5.45 0.05
CA LEU A 56 21.42 5.11 1.24
C LEU A 56 20.60 5.27 2.51
N LEU A 57 20.85 4.45 3.52
CA LEU A 57 20.05 4.48 4.75
C LEU A 57 20.59 5.59 5.63
N TYR A 58 19.69 6.20 6.39
CA TYR A 58 20.08 7.12 7.49
C TYR A 58 20.05 6.41 8.83
N PRO A 59 21.11 6.55 9.64
CA PRO A 59 21.03 6.16 11.04
C PRO A 59 20.08 7.17 11.68
N ARG A 60 19.28 6.69 12.61
CA ARG A 60 18.43 7.59 13.39
C ARG A 60 18.75 7.32 14.86
N LEU A 61 18.75 8.40 15.63
CA LEU A 61 19.15 8.42 17.06
C LEU A 61 17.96 8.75 17.97
N ALA A 62 18.08 8.23 19.22
CA ALA A 62 17.06 8.34 20.30
C ALA A 62 15.66 8.02 19.79
N GLN A 63 15.48 6.89 19.13
CA GLN A 63 14.23 6.48 18.47
C GLN A 63 13.37 5.63 19.41
N ASP A 64 13.88 5.38 20.63
CA ASP A 64 13.17 4.60 21.68
C ASP A 64 12.91 3.16 21.15
N VAL A 65 13.95 2.55 20.61
CA VAL A 65 13.86 1.19 19.98
C VAL A 65 14.83 0.25 20.70
N GLU A 66 14.43 -1.01 20.85
CA GLU A 66 15.28 -2.07 21.43
C GLU A 66 14.74 -3.41 20.94
N ALA A 67 15.62 -4.35 20.62
CA ALA A 67 15.25 -5.74 20.26
C ALA A 67 14.18 -5.73 19.18
N PRO A 68 14.52 -5.21 17.99
CA PRO A 68 13.61 -5.17 16.88
C PRO A 68 13.03 -6.55 16.58
N ASP A 69 11.84 -6.53 16.02
CA ASP A 69 11.07 -7.74 15.66
C ASP A 69 11.07 -7.83 14.14
N THR A 70 11.68 -8.87 13.57
CA THR A 70 11.74 -9.02 12.09
C THR A 70 10.53 -9.72 11.52
N SER A 71 9.57 -10.12 12.34
CA SER A 71 8.46 -10.94 11.80
C SER A 71 7.55 -10.14 10.86
N THR A 72 6.92 -10.83 9.95
CA THR A 72 5.93 -10.20 9.05
C THR A 72 4.94 -11.26 8.59
N GLU A 73 4.00 -10.85 7.76
CA GLU A 73 2.98 -11.79 7.23
C GLU A 73 2.83 -11.52 5.74
N ILE A 74 2.71 -12.57 4.94
CA ILE A 74 2.34 -12.38 3.52
C ILE A 74 1.36 -13.49 3.14
N LEU A 75 0.24 -13.05 2.57
CA LEU A 75 -0.82 -13.94 2.04
C LEU A 75 -1.19 -14.95 3.14
N GLY A 76 -1.39 -14.42 4.35
CA GLY A 76 -1.79 -15.23 5.53
C GLY A 76 -0.75 -16.25 5.95
N HIS A 77 0.54 -15.99 5.70
CA HIS A 77 1.65 -16.78 6.29
C HIS A 77 2.43 -15.86 7.24
N LYS A 78 2.47 -16.15 8.53
CA LYS A 78 3.39 -15.46 9.45
C LYS A 78 4.77 -16.05 9.24
N ILE A 79 5.75 -15.20 8.96
CA ILE A 79 7.14 -15.62 8.68
C ILE A 79 8.10 -14.86 9.58
N LYS A 80 9.27 -15.45 9.84
CA LYS A 80 10.18 -14.98 10.88
C LYS A 80 10.82 -13.65 10.48
N ALA A 81 11.00 -13.43 9.18
CA ALA A 81 11.72 -12.28 8.63
C ALA A 81 11.14 -11.98 7.26
N PRO A 82 11.26 -10.75 6.76
CA PRO A 82 10.62 -10.36 5.49
C PRO A 82 11.44 -10.79 4.28
N PHE A 83 11.74 -12.09 4.24
CA PHE A 83 12.38 -12.72 3.07
C PHE A 83 11.91 -14.14 2.95
N ILE A 84 11.86 -14.59 1.71
CA ILE A 84 11.45 -15.96 1.34
C ILE A 84 12.54 -16.55 0.48
N MET A 85 12.44 -17.84 0.17
CA MET A 85 13.40 -18.48 -0.76
C MET A 85 12.88 -18.30 -2.20
N ALA A 86 13.75 -17.82 -3.08
CA ALA A 86 13.43 -17.69 -4.50
C ALA A 86 13.40 -19.08 -5.14
N PRO A 87 12.58 -19.25 -6.18
CA PRO A 87 12.59 -20.51 -6.93
C PRO A 87 13.88 -20.58 -7.75
N ILE A 88 14.63 -21.65 -7.57
CA ILE A 88 15.94 -21.87 -8.24
C ILE A 88 15.96 -23.32 -8.66
N ALA A 89 16.29 -23.56 -9.93
CA ALA A 89 16.38 -24.95 -10.44
C ALA A 89 17.56 -25.71 -9.83
N ALA A 90 17.45 -27.03 -9.84
CA ALA A 90 18.64 -27.92 -9.85
C ALA A 90 19.57 -27.68 -8.65
N HIS A 91 19.02 -27.74 -7.43
CA HIS A 91 19.84 -27.52 -6.20
C HIS A 91 20.90 -28.62 -6.08
N GLY A 92 20.68 -29.76 -6.71
CA GLY A 92 21.70 -30.85 -6.68
C GLY A 92 23.01 -30.42 -7.32
N LEU A 93 23.05 -29.33 -8.09
CA LEU A 93 24.36 -28.79 -8.54
C LEU A 93 25.19 -28.25 -7.37
N ALA A 94 24.53 -27.82 -6.31
CA ALA A 94 25.22 -27.25 -5.13
C ALA A 94 25.45 -28.32 -4.05
N HIS A 95 24.53 -29.22 -3.85
CA HIS A 95 24.65 -30.21 -2.73
C HIS A 95 23.85 -31.45 -3.01
N THR A 96 24.35 -32.61 -2.57
CA THR A 96 23.66 -33.90 -2.83
C THR A 96 22.25 -33.94 -2.19
N THR A 97 21.99 -33.21 -1.11
CA THR A 97 20.64 -33.15 -0.48
C THR A 97 19.67 -32.26 -1.27
N LYS A 98 20.21 -31.51 -2.23
CA LYS A 98 19.46 -30.76 -3.25
C LYS A 98 18.29 -30.00 -2.61
N GLU A 99 17.12 -29.98 -3.24
CA GLU A 99 16.00 -29.12 -2.82
C GLU A 99 15.52 -29.58 -1.45
N ALA A 100 15.68 -30.86 -1.08
CA ALA A 100 15.26 -31.29 0.26
C ALA A 100 16.09 -30.56 1.32
N GLY A 101 17.37 -30.34 1.06
CA GLY A 101 18.21 -29.62 2.01
C GLY A 101 17.78 -28.16 2.10
N THR A 102 17.58 -27.50 0.96
CA THR A 102 17.11 -26.09 0.99
C THR A 102 15.77 -26.02 1.73
N ALA A 103 14.86 -26.94 1.46
CA ALA A 103 13.51 -26.89 2.05
C ALA A 103 13.62 -27.07 3.58
N ARG A 104 14.51 -27.93 4.03
CA ARG A 104 14.74 -28.14 5.48
C ARG A 104 15.24 -26.83 6.10
N ALA A 105 16.19 -26.15 5.46
CA ALA A 105 16.73 -24.88 6.00
C ALA A 105 15.59 -23.87 6.08
N VAL A 106 14.81 -23.76 5.03
CA VAL A 106 13.76 -22.72 4.94
C VAL A 106 12.70 -23.00 6.02
N SER A 107 12.26 -24.25 6.13
CA SER A 107 11.19 -24.62 7.09
C SER A 107 11.73 -24.50 8.52
N GLU A 108 12.99 -24.87 8.78
CA GLU A 108 13.58 -24.78 10.13
C GLU A 108 13.69 -23.31 10.53
N PHE A 109 14.00 -22.44 9.58
CA PHE A 109 14.17 -21.00 9.85
C PHE A 109 12.81 -20.37 10.09
N GLY A 110 11.83 -20.73 9.30
CA GLY A 110 10.47 -20.21 9.42
C GLY A 110 10.09 -19.22 8.35
N THR A 111 10.32 -19.55 7.10
CA THR A 111 9.78 -18.77 6.00
C THR A 111 9.28 -19.69 4.89
N ILE A 112 8.93 -19.10 3.75
CA ILE A 112 8.25 -19.76 2.62
C ILE A 112 9.29 -20.28 1.65
N MET A 113 9.13 -21.54 1.26
CA MET A 113 9.93 -22.22 0.21
C MET A 113 9.26 -22.03 -1.14
N SER A 114 10.01 -21.55 -2.12
CA SER A 114 9.51 -21.52 -3.51
C SER A 114 10.14 -22.70 -4.23
N ILE A 115 9.29 -23.52 -4.86
CA ILE A 115 9.72 -24.73 -5.57
C ILE A 115 9.77 -24.41 -7.06
N SER A 116 10.95 -24.55 -7.65
CA SER A 116 11.17 -24.42 -9.10
C SER A 116 10.50 -25.57 -9.83
N ALA A 117 9.86 -25.28 -10.93
CA ALA A 117 9.41 -26.34 -11.87
C ALA A 117 10.60 -27.20 -12.32
N TYR A 118 11.81 -26.67 -12.33
CA TYR A 118 13.03 -27.39 -12.76
C TYR A 118 13.81 -27.93 -11.57
N SER A 119 13.10 -28.30 -10.50
CA SER A 119 13.67 -29.00 -9.34
C SER A 119 14.23 -30.36 -9.77
N GLY A 120 15.36 -30.76 -9.22
CA GLY A 120 15.91 -32.13 -9.38
C GLY A 120 15.35 -33.12 -8.36
N ALA A 121 14.67 -32.63 -7.34
CA ALA A 121 14.00 -33.43 -6.31
C ALA A 121 12.53 -33.58 -6.68
N THR A 122 11.94 -34.71 -6.33
CA THR A 122 10.46 -34.90 -6.47
C THR A 122 9.73 -34.08 -5.40
N PHE A 123 8.43 -33.85 -5.57
CA PHE A 123 7.57 -33.19 -4.55
C PHE A 123 7.69 -33.97 -3.25
N GLU A 124 7.74 -35.31 -3.30
CA GLU A 124 7.82 -36.17 -2.10
C GLU A 124 9.12 -35.89 -1.35
N GLU A 125 10.25 -35.80 -2.05
CA GLU A 125 11.57 -35.51 -1.44
C GLU A 125 11.57 -34.11 -0.83
N ILE A 126 11.01 -33.12 -1.53
CA ILE A 126 10.96 -31.75 -0.97
C ILE A 126 10.01 -31.73 0.25
N SER A 127 8.86 -32.42 0.17
CA SER A 127 7.84 -32.45 1.26
C SER A 127 8.46 -32.96 2.56
N GLU A 128 9.35 -33.95 2.45
CA GLU A 128 10.07 -34.56 3.59
C GLU A 128 10.93 -33.47 4.25
N GLY A 129 11.68 -32.70 3.44
CA GLY A 129 12.50 -31.59 3.96
C GLY A 129 11.66 -30.49 4.57
N LEU A 130 10.51 -30.16 3.99
CA LEU A 130 9.60 -29.08 4.48
C LEU A 130 8.91 -29.44 5.80
N ASN A 131 8.58 -30.72 6.03
CA ASN A 131 7.96 -31.15 7.31
C ASN A 131 6.78 -30.22 7.63
N GLY A 132 5.94 -29.92 6.65
CA GLY A 132 4.68 -29.19 6.77
C GLY A 132 4.83 -27.69 6.55
N GLY A 133 6.06 -27.23 6.33
CA GLY A 133 6.32 -25.78 6.15
C GLY A 133 5.68 -25.26 4.87
N PRO A 134 5.38 -23.94 4.82
CA PRO A 134 4.68 -23.37 3.69
C PRO A 134 5.52 -23.37 2.39
N ARG A 135 4.82 -23.53 1.28
CA ARG A 135 5.49 -23.60 -0.04
C ARG A 135 4.63 -22.97 -1.09
N TRP A 136 5.30 -22.33 -2.05
CA TRP A 136 4.74 -21.75 -3.28
C TRP A 136 5.36 -22.49 -4.45
N PHE A 137 4.59 -22.71 -5.49
CA PHE A 137 5.13 -23.47 -6.64
C PHE A 137 5.34 -22.52 -7.79
N GLN A 138 6.55 -22.55 -8.36
CA GLN A 138 6.92 -21.72 -9.53
C GLN A 138 6.67 -22.56 -10.78
N ILE A 139 5.86 -22.04 -11.68
CA ILE A 139 5.57 -22.76 -12.94
C ILE A 139 6.39 -22.11 -14.03
N TYR A 140 7.21 -23.00 -14.62
CA TYR A 140 7.63 -22.92 -16.04
C TYR A 140 6.58 -23.69 -16.83
N MET A 141 5.80 -22.93 -17.60
CA MET A 141 4.60 -23.43 -18.29
C MET A 141 5.03 -24.41 -19.38
N ALA A 142 4.35 -25.55 -19.45
CA ALA A 142 4.26 -26.39 -20.66
C ALA A 142 3.52 -25.60 -21.75
N LYS A 143 3.75 -25.94 -23.02
CA LYS A 143 2.86 -25.49 -24.14
C LYS A 143 1.50 -26.20 -24.04
N ASP A 144 1.46 -27.43 -23.54
CA ASP A 144 0.19 -28.19 -23.47
C ASP A 144 -0.59 -27.77 -22.22
N ASP A 145 -1.78 -27.19 -22.39
CA ASP A 145 -2.70 -26.80 -21.27
C ASP A 145 -2.86 -27.94 -20.26
N GLN A 146 -3.07 -29.17 -20.72
CA GLN A 146 -3.40 -30.28 -19.79
C GLN A 146 -2.20 -30.52 -18.88
N GLN A 147 -0.97 -30.40 -19.39
CA GLN A 147 0.25 -30.61 -18.58
C GLN A 147 0.33 -29.53 -17.50
N ASN A 148 -0.17 -28.33 -17.77
CA ASN A 148 -0.17 -27.21 -16.81
C ASN A 148 -1.16 -27.58 -15.71
N ARG A 149 -2.38 -27.99 -16.10
CA ARG A 149 -3.42 -28.44 -15.15
C ARG A 149 -2.78 -29.53 -14.27
N ASP A 150 -2.11 -30.52 -14.86
CA ASP A 150 -1.52 -31.64 -14.07
C ASP A 150 -0.44 -31.13 -13.10
N ILE A 151 0.42 -30.21 -13.55
CA ILE A 151 1.55 -29.65 -12.75
C ILE A 151 1.00 -28.85 -11.58
N LEU A 152 0.02 -27.97 -11.86
CA LEU A 152 -0.67 -27.15 -10.86
C LEU A 152 -1.39 -28.07 -9.86
N ASP A 153 -2.07 -29.10 -10.34
CA ASP A 153 -2.80 -30.02 -9.47
C ASP A 153 -1.81 -30.70 -8.55
N GLU A 154 -0.70 -31.20 -9.10
CA GLU A 154 0.33 -31.87 -8.27
C GLU A 154 0.80 -30.91 -7.17
N ALA A 155 1.13 -29.68 -7.53
CA ALA A 155 1.72 -28.68 -6.59
C ALA A 155 0.72 -28.34 -5.48
N LYS A 156 -0.50 -27.99 -5.84
CA LYS A 156 -1.56 -27.73 -4.84
C LYS A 156 -1.82 -28.98 -3.96
N SER A 157 -1.87 -30.18 -4.52
CA SER A 157 -2.02 -31.43 -3.72
C SER A 157 -0.85 -31.57 -2.75
N ASP A 158 0.36 -31.14 -3.14
CA ASP A 158 1.58 -31.18 -2.28
C ASP A 158 1.48 -30.12 -1.18
N GLY A 159 0.63 -29.11 -1.39
CA GLY A 159 0.23 -28.12 -0.37
C GLY A 159 0.58 -26.69 -0.76
N ALA A 160 0.77 -26.39 -2.03
CA ALA A 160 1.15 -25.02 -2.45
C ALA A 160 0.05 -24.04 -2.05
N THR A 161 0.44 -22.86 -1.55
CA THR A 161 -0.53 -21.80 -1.18
C THR A 161 -0.40 -20.56 -2.08
N ALA A 162 0.44 -20.61 -3.11
CA ALA A 162 0.51 -19.60 -4.19
C ALA A 162 1.22 -20.25 -5.37
N ILE A 163 1.01 -19.64 -6.53
CA ILE A 163 1.65 -20.01 -7.81
C ILE A 163 2.48 -18.79 -8.23
N ILE A 164 3.69 -19.08 -8.64
CA ILE A 164 4.62 -18.07 -9.20
C ILE A 164 4.75 -18.35 -10.70
N LEU A 165 4.18 -17.50 -11.52
CA LEU A 165 4.32 -17.58 -12.98
C LEU A 165 5.56 -16.79 -13.38
N THR A 166 6.65 -17.49 -13.63
CA THR A 166 7.92 -16.86 -14.09
C THR A 166 7.80 -16.59 -15.56
N ALA A 167 7.81 -15.32 -15.96
CA ALA A 167 7.52 -15.08 -17.38
C ALA A 167 8.70 -14.49 -18.14
N ASP A 168 9.87 -14.41 -17.51
CA ASP A 168 11.01 -13.57 -18.00
C ASP A 168 12.04 -14.47 -18.65
N SER A 169 11.71 -15.74 -18.87
CA SER A 169 12.69 -16.72 -19.39
C SER A 169 12.05 -17.52 -20.51
N THR A 170 11.26 -16.86 -21.35
CA THR A 170 10.64 -17.53 -22.54
C THR A 170 11.75 -18.02 -23.47
N VAL A 171 12.91 -17.36 -23.51
CA VAL A 171 14.19 -17.94 -24.01
C VAL A 171 15.27 -17.63 -22.98
N SER A 172 16.38 -18.37 -23.04
CA SER A 172 17.54 -18.21 -22.14
C SER A 172 18.16 -16.84 -22.34
N GLY A 173 18.69 -16.30 -21.25
CA GLY A 173 19.68 -15.23 -21.40
C GLY A 173 20.96 -15.72 -22.04
N ASN A 174 21.78 -14.78 -22.46
CA ASN A 174 23.07 -15.02 -23.13
C ASN A 174 24.11 -15.28 -22.04
N ARG A 175 24.08 -16.46 -21.43
CA ARG A 175 24.94 -16.83 -20.26
C ARG A 175 26.30 -17.31 -20.76
N ASP A 176 27.24 -16.41 -20.96
CA ASP A 176 28.51 -16.73 -21.65
C ASP A 176 29.26 -17.83 -20.90
N ARG A 177 29.23 -17.84 -19.57
CA ARG A 177 29.95 -18.89 -18.78
C ARG A 177 29.46 -20.27 -19.20
N ASP A 178 28.15 -20.47 -19.32
CA ASP A 178 27.58 -21.82 -19.57
C ASP A 178 27.88 -22.21 -21.02
N VAL A 179 27.90 -21.23 -21.92
CA VAL A 179 28.25 -21.46 -23.35
C VAL A 179 29.71 -21.92 -23.39
N LYS A 180 30.62 -21.17 -22.75
CA LYS A 180 32.07 -21.47 -22.76
C LYS A 180 32.31 -22.82 -22.09
N ASN A 181 31.54 -23.18 -21.05
CA ASN A 181 31.72 -24.46 -20.32
C ASN A 181 30.91 -25.60 -20.94
N LYS A 182 30.11 -25.32 -21.97
CA LYS A 182 29.22 -26.32 -22.64
C LYS A 182 28.43 -27.05 -21.55
N PHE A 183 27.86 -26.28 -20.63
CA PHE A 183 27.18 -26.79 -19.41
C PHE A 183 25.87 -27.47 -19.79
N VAL A 184 25.65 -28.70 -19.29
CA VAL A 184 24.37 -29.46 -19.39
C VAL A 184 24.01 -29.94 -17.99
N TYR A 185 22.72 -30.16 -17.70
CA TYR A 185 22.30 -30.74 -16.39
C TYR A 185 22.80 -32.18 -16.31
N PRO A 186 23.45 -32.58 -15.19
CA PRO A 186 23.87 -33.97 -15.01
C PRO A 186 22.84 -34.88 -14.32
N PHE A 187 21.60 -34.44 -14.18
CA PHE A 187 20.49 -35.22 -13.56
C PHE A 187 19.16 -34.70 -14.10
N GLY A 188 18.11 -35.49 -13.88
CA GLY A 188 16.77 -35.22 -14.42
C GLY A 188 16.02 -34.20 -13.58
N MET A 189 14.88 -33.74 -14.12
CA MET A 189 13.95 -32.78 -13.49
C MET A 189 12.57 -33.45 -13.44
N PRO A 190 12.27 -34.17 -12.34
CA PRO A 190 11.06 -35.00 -12.28
C PRO A 190 9.72 -34.27 -12.45
N ILE A 191 9.62 -32.96 -12.20
CA ILE A 191 8.31 -32.26 -12.25
C ILE A 191 7.98 -31.88 -13.71
N VAL A 192 8.98 -31.63 -14.57
CA VAL A 192 8.73 -31.14 -15.97
C VAL A 192 9.14 -32.20 -17.01
N GLN A 193 9.64 -33.38 -16.61
CA GLN A 193 10.09 -34.45 -17.56
C GLN A 193 9.04 -34.65 -18.67
N ARG A 194 7.75 -34.52 -18.33
CA ARG A 194 6.59 -34.85 -19.20
C ARG A 194 6.67 -34.13 -20.55
N TYR A 195 7.16 -32.88 -20.59
CA TYR A 195 7.13 -32.03 -21.81
C TYR A 195 8.54 -31.88 -22.40
N LEU A 196 9.46 -32.76 -22.03
CA LEU A 196 10.83 -32.82 -22.60
C LEU A 196 11.04 -34.12 -23.40
N ARG A 197 9.98 -34.94 -23.53
CA ARG A 197 9.99 -36.27 -24.22
C ARG A 197 11.43 -36.76 -24.40
N GLY A 198 11.89 -37.61 -23.49
CA GLY A 198 13.29 -38.05 -23.37
C GLY A 198 13.76 -37.97 -21.93
N THR A 199 14.45 -36.88 -21.57
CA THR A 199 14.98 -36.61 -20.20
C THR A 199 15.77 -35.30 -20.19
N ALA A 200 15.79 -34.61 -19.03
CA ALA A 200 16.44 -33.29 -18.82
C ALA A 200 17.95 -33.47 -18.53
N GLU A 201 18.39 -34.71 -18.31
CA GLU A 201 19.82 -35.09 -18.19
C GLU A 201 20.49 -34.95 -19.57
N GLY A 202 21.61 -34.21 -19.63
CA GLY A 202 22.40 -34.03 -20.88
C GLY A 202 21.85 -32.94 -21.77
N MET A 203 20.71 -32.33 -21.40
CA MET A 203 20.10 -31.17 -22.13
C MET A 203 20.72 -29.86 -21.64
N SER A 204 20.85 -28.90 -22.55
CA SER A 204 21.17 -27.47 -22.26
C SER A 204 19.92 -26.81 -21.68
N LEU A 205 20.06 -25.65 -21.06
CA LEU A 205 18.89 -24.90 -20.50
C LEU A 205 18.13 -24.20 -21.63
N ASN A 206 18.75 -23.98 -22.81
CA ASN A 206 18.11 -23.47 -24.04
C ASN A 206 16.93 -24.38 -24.45
N ASN A 207 17.19 -25.68 -24.60
CA ASN A 207 16.21 -26.68 -25.12
C ASN A 207 15.18 -27.03 -24.04
N ILE A 208 15.52 -26.86 -22.76
CA ILE A 208 14.56 -27.02 -21.62
C ILE A 208 13.69 -25.76 -21.55
N TYR A 209 14.27 -24.56 -21.53
CA TYR A 209 13.51 -23.30 -21.72
C TYR A 209 12.70 -23.37 -23.02
N GLY A 210 13.30 -23.96 -24.06
CA GLY A 210 12.70 -24.11 -25.40
C GLY A 210 11.42 -24.94 -25.36
N ALA A 211 11.39 -25.97 -24.52
CA ALA A 211 10.25 -26.92 -24.38
C ALA A 211 9.10 -26.24 -23.63
N SER A 212 9.42 -25.33 -22.71
CA SER A 212 8.43 -24.50 -21.97
C SER A 212 7.76 -23.54 -22.96
N LYS A 213 6.71 -22.88 -22.50
CA LYS A 213 5.87 -21.93 -23.30
C LYS A 213 6.61 -20.63 -23.56
N GLN A 214 6.70 -20.25 -24.83
CA GLN A 214 7.31 -18.95 -25.25
C GLN A 214 6.20 -17.89 -25.27
N LYS A 215 5.07 -18.24 -25.87
CA LYS A 215 3.95 -17.30 -26.17
C LYS A 215 3.03 -17.14 -24.95
N ILE A 216 3.65 -16.97 -23.78
CA ILE A 216 2.92 -16.59 -22.53
C ILE A 216 2.19 -15.29 -22.84
N SER A 217 0.90 -15.22 -22.54
CA SER A 217 0.14 -13.93 -22.56
C SER A 217 -0.51 -13.70 -21.19
N PRO A 218 -1.03 -12.52 -20.87
CA PRO A 218 -2.03 -12.37 -19.80
C PRO A 218 -3.13 -13.43 -19.63
N ARG A 219 -3.56 -14.06 -20.74
CA ARG A 219 -4.60 -15.11 -20.63
C ARG A 219 -4.04 -16.18 -19.70
N ASP A 220 -2.71 -16.42 -19.78
CA ASP A 220 -2.03 -17.45 -18.96
C ASP A 220 -2.17 -17.09 -17.49
N ILE A 221 -2.08 -15.81 -17.14
CA ILE A 221 -2.17 -15.36 -15.72
C ILE A 221 -3.61 -15.64 -15.25
N GLU A 222 -4.61 -15.23 -16.01
CA GLU A 222 -6.05 -15.57 -15.78
C GLU A 222 -6.28 -17.06 -15.51
N GLU A 223 -5.72 -17.91 -16.40
CA GLU A 223 -6.04 -19.34 -16.47
C GLU A 223 -5.33 -20.08 -15.35
N ILE A 224 -4.09 -19.69 -15.02
CA ILE A 224 -3.40 -20.30 -13.84
C ILE A 224 -4.24 -19.99 -12.59
N ALA A 225 -4.71 -18.77 -12.49
CA ALA A 225 -5.45 -18.25 -11.29
C ALA A 225 -6.79 -18.99 -11.16
N ALA A 226 -7.48 -19.19 -12.28
CA ALA A 226 -8.79 -19.87 -12.31
C ALA A 226 -8.59 -21.34 -11.96
N HIS A 227 -7.61 -21.99 -12.59
CA HIS A 227 -7.41 -23.44 -12.40
C HIS A 227 -7.01 -23.72 -10.95
N SER A 228 -5.99 -23.03 -10.44
CA SER A 228 -5.37 -23.28 -9.12
C SER A 228 -6.34 -22.86 -8.00
N GLY A 229 -7.11 -21.79 -8.20
CA GLY A 229 -7.79 -21.13 -7.08
C GLY A 229 -6.77 -20.71 -6.04
N LEU A 230 -5.53 -20.44 -6.48
CA LEU A 230 -4.47 -19.90 -5.59
C LEU A 230 -4.06 -18.53 -6.09
N PRO A 231 -3.53 -17.70 -5.18
CA PRO A 231 -2.96 -16.43 -5.60
C PRO A 231 -1.80 -16.68 -6.58
N VAL A 232 -1.79 -15.90 -7.65
CA VAL A 232 -0.73 -15.98 -8.70
C VAL A 232 0.15 -14.74 -8.59
N PHE A 233 1.44 -14.98 -8.38
CA PHE A 233 2.46 -13.92 -8.58
C PHE A 233 2.93 -13.96 -10.03
N VAL A 234 3.16 -12.82 -10.63
CA VAL A 234 3.86 -12.75 -11.94
C VAL A 234 5.28 -12.29 -11.65
N LYS A 235 6.24 -13.12 -12.00
CA LYS A 235 7.66 -12.95 -11.63
C LYS A 235 8.49 -12.57 -12.86
N GLY A 236 9.35 -11.59 -12.67
CA GLY A 236 10.21 -11.06 -13.76
C GLY A 236 9.86 -9.66 -14.16
N ILE A 237 8.96 -8.97 -13.45
CA ILE A 237 8.52 -7.61 -13.79
C ILE A 237 9.62 -6.61 -13.45
N GLN A 238 9.88 -5.76 -14.42
CA GLN A 238 10.83 -4.62 -14.28
C GLN A 238 10.18 -3.32 -14.74
N HIS A 239 9.09 -3.36 -15.49
CA HIS A 239 8.44 -2.17 -16.07
C HIS A 239 7.08 -1.99 -15.42
N PRO A 240 6.74 -0.80 -14.94
CA PRO A 240 5.50 -0.62 -14.19
C PRO A 240 4.25 -1.00 -15.00
N GLU A 241 4.30 -0.82 -16.31
CA GLU A 241 3.13 -1.17 -17.16
C GLU A 241 2.82 -2.64 -17.05
N ASP A 242 3.81 -3.51 -17.00
CA ASP A 242 3.60 -4.95 -16.83
C ASP A 242 2.93 -5.26 -15.48
N ALA A 243 3.25 -4.48 -14.46
CA ALA A 243 2.62 -4.68 -13.13
C ALA A 243 1.11 -4.36 -13.25
N ASP A 244 0.78 -3.25 -13.85
CA ASP A 244 -0.63 -2.82 -14.03
C ASP A 244 -1.33 -3.90 -14.85
N MET A 245 -0.71 -4.34 -15.93
CA MET A 245 -1.35 -5.36 -16.83
C MET A 245 -1.59 -6.63 -16.03
N ALA A 246 -0.61 -7.08 -15.29
CA ALA A 246 -0.64 -8.37 -14.60
C ALA A 246 -1.79 -8.31 -13.61
N ILE A 247 -1.91 -7.19 -12.89
CA ILE A 247 -2.97 -7.08 -11.85
C ILE A 247 -4.33 -7.10 -12.55
N LYS A 248 -4.46 -6.37 -13.65
CA LYS A 248 -5.76 -6.27 -14.39
C LYS A 248 -6.08 -7.65 -14.96
N ARG A 249 -5.09 -8.48 -15.21
CA ARG A 249 -5.29 -9.80 -15.82
C ARG A 249 -5.52 -10.86 -14.72
N GLY A 250 -5.54 -10.51 -13.43
CA GLY A 250 -5.87 -11.41 -12.34
C GLY A 250 -4.74 -11.82 -11.42
N ALA A 251 -3.53 -11.25 -11.58
CA ALA A 251 -2.45 -11.53 -10.63
C ALA A 251 -2.80 -11.07 -9.21
N SER A 252 -2.39 -11.83 -8.21
CA SER A 252 -2.60 -11.53 -6.77
C SER A 252 -1.29 -11.02 -6.17
N GLY A 253 -0.25 -10.91 -6.98
CA GLY A 253 1.04 -10.43 -6.47
C GLY A 253 1.99 -10.12 -7.61
N ILE A 254 2.90 -9.18 -7.41
CA ILE A 254 3.91 -8.74 -8.41
C ILE A 254 5.26 -9.13 -7.83
N TRP A 255 6.05 -9.83 -8.59
CA TRP A 255 7.38 -10.28 -8.17
C TRP A 255 8.41 -9.62 -9.07
N VAL A 256 8.99 -8.55 -8.54
CA VAL A 256 9.93 -7.67 -9.23
C VAL A 256 11.25 -8.41 -9.25
N SER A 257 11.78 -8.63 -10.44
CA SER A 257 12.94 -9.51 -10.61
C SER A 257 13.53 -9.33 -12.01
N ASN A 258 14.85 -9.48 -12.13
CA ASN A 258 15.43 -9.72 -13.46
C ASN A 258 16.12 -11.07 -13.43
N HIS A 259 15.64 -11.99 -12.62
CA HIS A 259 16.14 -13.37 -12.65
C HIS A 259 17.61 -13.39 -12.28
N GLY A 260 18.06 -12.54 -11.35
CA GLY A 260 19.48 -12.52 -10.97
C GLY A 260 20.37 -12.20 -12.14
N ALA A 261 19.90 -11.37 -13.05
CA ALA A 261 20.64 -10.93 -14.26
C ALA A 261 20.93 -12.09 -15.20
N ARG A 262 20.18 -13.19 -15.11
CA ARG A 262 20.45 -14.39 -15.94
C ARG A 262 19.70 -14.30 -17.26
N GLN A 263 18.89 -13.26 -17.47
CA GLN A 263 18.01 -13.12 -18.65
C GLN A 263 18.44 -11.91 -19.47
N LEU A 264 17.64 -10.87 -19.55
CA LEU A 264 17.99 -9.78 -20.48
C LEU A 264 19.22 -9.03 -19.98
N TYR A 265 20.17 -8.85 -20.87
CA TYR A 265 21.44 -8.14 -20.66
C TYR A 265 21.26 -6.64 -20.98
N GLU A 266 22.08 -5.80 -20.34
CA GLU A 266 22.11 -4.35 -20.62
C GLU A 266 20.75 -3.74 -20.26
N ALA A 267 20.22 -4.23 -19.15
CA ALA A 267 18.98 -3.82 -18.48
C ALA A 267 19.35 -3.20 -17.14
N PRO A 268 18.44 -2.46 -16.49
CA PRO A 268 18.75 -1.84 -15.19
C PRO A 268 18.99 -2.86 -14.10
N GLY A 269 19.73 -2.45 -13.09
CA GLY A 269 19.73 -3.16 -11.81
C GLY A 269 18.35 -3.22 -11.24
N SER A 270 17.96 -4.38 -10.71
CA SER A 270 16.56 -4.65 -10.35
C SER A 270 16.06 -3.61 -9.31
N PHE A 271 16.87 -3.28 -8.31
CA PHE A 271 16.43 -2.34 -7.26
C PHE A 271 16.08 -0.99 -7.83
N ASP A 272 16.76 -0.55 -8.89
CA ASP A 272 16.43 0.76 -9.52
C ASP A 272 15.02 0.77 -10.10
N THR A 273 14.46 -0.40 -10.44
CA THR A 273 13.13 -0.47 -11.09
C THR A 273 12.03 -0.48 -10.04
N LEU A 274 12.36 -0.75 -8.80
CA LEU A 274 11.32 -1.07 -7.78
C LEU A 274 10.43 0.11 -7.50
N PRO A 275 10.92 1.33 -7.21
CA PRO A 275 9.99 2.37 -6.81
C PRO A 275 8.94 2.65 -7.88
N ALA A 276 9.28 2.70 -9.15
CA ALA A 276 8.27 2.99 -10.20
C ALA A 276 7.22 1.88 -10.22
N ILE A 277 7.61 0.64 -10.01
CA ILE A 277 6.60 -0.44 -9.97
C ILE A 277 5.76 -0.28 -8.72
N ALA A 278 6.36 -0.05 -7.56
CA ALA A 278 5.56 0.09 -6.33
C ALA A 278 4.58 1.25 -6.45
N GLU A 279 4.98 2.35 -7.06
CA GLU A 279 4.07 3.52 -7.18
C GLU A 279 2.90 3.15 -8.10
N ARG A 280 3.13 2.35 -9.15
CA ARG A 280 2.04 1.96 -10.08
C ARG A 280 1.15 0.92 -9.40
N VAL A 281 1.72 -0.06 -8.71
CA VAL A 281 0.92 -1.08 -7.98
C VAL A 281 0.04 -0.40 -6.95
N ASN A 282 0.61 0.59 -6.23
CA ASN A 282 -0.13 1.44 -5.28
C ASN A 282 -0.97 0.55 -4.37
N LYS A 283 -0.36 -0.45 -3.74
CA LYS A 283 -0.94 -1.25 -2.64
C LYS A 283 -1.93 -2.31 -3.15
N ARG A 284 -2.17 -2.42 -4.44
CA ARG A 284 -3.25 -3.30 -4.94
C ARG A 284 -2.96 -4.75 -4.60
N VAL A 285 -1.71 -5.19 -4.67
CA VAL A 285 -1.30 -6.58 -4.41
C VAL A 285 0.06 -6.52 -3.79
N PRO A 286 0.44 -7.57 -3.02
CA PRO A 286 1.76 -7.60 -2.47
C PRO A 286 2.85 -7.65 -3.53
N ILE A 287 3.99 -7.11 -3.13
CA ILE A 287 5.21 -7.08 -3.97
C ILE A 287 6.29 -7.92 -3.31
N VAL A 288 6.81 -8.89 -4.05
CA VAL A 288 8.06 -9.58 -3.72
C VAL A 288 9.16 -8.95 -4.57
N PHE A 289 10.31 -8.65 -4.00
CA PHE A 289 11.44 -8.07 -4.75
C PHE A 289 12.60 -9.06 -4.71
N ASP A 290 13.28 -9.27 -5.83
CA ASP A 290 14.58 -9.98 -5.78
C ASP A 290 15.49 -9.44 -6.88
N SER A 291 16.71 -9.97 -6.83
CA SER A 291 17.81 -9.92 -7.81
C SER A 291 18.90 -9.01 -7.22
N GLY A 292 19.76 -9.59 -6.41
CA GLY A 292 20.91 -8.89 -5.85
C GLY A 292 20.87 -8.69 -4.36
N VAL A 293 19.88 -9.20 -3.64
CA VAL A 293 19.86 -9.04 -2.14
C VAL A 293 21.04 -9.81 -1.53
N ARG A 294 21.92 -9.11 -0.82
CA ARG A 294 23.14 -9.72 -0.26
C ARG A 294 23.30 -9.33 1.21
N ARG A 295 22.60 -8.30 1.70
CA ARG A 295 22.85 -7.74 3.05
C ARG A 295 21.51 -7.40 3.70
N GLY A 296 21.48 -7.31 5.02
CA GLY A 296 20.29 -6.83 5.69
C GLY A 296 19.92 -5.42 5.25
N GLU A 297 20.89 -4.58 4.93
CA GLU A 297 20.62 -3.22 4.41
C GLU A 297 19.76 -3.30 3.15
N HIS A 298 19.99 -4.31 2.33
CA HIS A 298 19.25 -4.46 1.06
C HIS A 298 17.80 -4.80 1.37
N VAL A 299 17.57 -5.69 2.35
CA VAL A 299 16.19 -6.05 2.75
C VAL A 299 15.48 -4.79 3.21
N ALA A 300 16.14 -3.99 4.04
CA ALA A 300 15.57 -2.75 4.58
C ALA A 300 15.25 -1.80 3.43
N LYS A 301 16.17 -1.61 2.51
CA LYS A 301 15.98 -0.64 1.38
C LYS A 301 14.82 -1.10 0.47
N ALA A 302 14.69 -2.41 0.23
CA ALA A 302 13.59 -2.93 -0.57
C ALA A 302 12.27 -2.64 0.11
N LEU A 303 12.18 -2.89 1.43
CA LEU A 303 10.93 -2.60 2.16
C LEU A 303 10.64 -1.11 2.13
N ALA A 304 11.65 -0.29 2.38
CA ALA A 304 11.47 1.18 2.34
C ALA A 304 10.96 1.64 0.97
N SER A 305 11.24 0.88 -0.07
CA SER A 305 10.95 1.26 -1.47
C SER A 305 9.68 0.57 -1.99
N GLY A 306 8.92 -0.16 -1.18
CA GLY A 306 7.61 -0.68 -1.60
C GLY A 306 7.51 -2.19 -1.64
N ALA A 307 8.56 -2.97 -1.42
CA ALA A 307 8.44 -4.43 -1.37
C ALA A 307 7.83 -4.85 -0.05
N ASP A 308 6.99 -5.88 -0.05
CA ASP A 308 6.50 -6.48 1.21
C ASP A 308 7.54 -7.44 1.78
N VAL A 309 8.17 -8.24 0.94
CA VAL A 309 9.29 -9.15 1.29
C VAL A 309 10.28 -9.12 0.14
N VAL A 310 11.45 -9.67 0.39
CA VAL A 310 12.41 -9.97 -0.67
C VAL A 310 12.54 -11.46 -0.82
N ALA A 311 13.08 -11.89 -1.93
CA ALA A 311 13.42 -13.30 -2.11
C ALA A 311 14.92 -13.44 -2.22
N LEU A 312 15.44 -14.45 -1.55
CA LEU A 312 16.88 -14.78 -1.52
C LEU A 312 17.20 -15.91 -2.49
N GLY A 313 18.34 -15.81 -3.14
CA GLY A 313 18.71 -16.78 -4.18
C GLY A 313 20.10 -17.30 -4.00
N ARG A 314 21.02 -16.79 -4.78
CA ARG A 314 22.41 -17.31 -4.85
C ARG A 314 23.02 -17.49 -3.47
N PRO A 315 22.97 -16.53 -2.53
CA PRO A 315 23.60 -16.71 -1.22
C PRO A 315 23.15 -18.01 -0.53
N VAL A 316 21.85 -18.32 -0.60
CA VAL A 316 21.30 -19.54 0.06
C VAL A 316 21.89 -20.76 -0.64
N LEU A 317 21.96 -20.75 -1.97
CA LEU A 317 22.54 -21.91 -2.68
C LEU A 317 24.01 -22.05 -2.34
N PHE A 318 24.76 -20.97 -2.20
CA PHE A 318 26.19 -21.06 -1.83
C PHE A 318 26.28 -21.65 -0.40
N GLY A 319 25.42 -21.21 0.50
CA GLY A 319 25.37 -21.82 1.83
C GLY A 319 25.06 -23.31 1.75
N LEU A 320 24.11 -23.70 0.94
CA LEU A 320 23.79 -25.14 0.74
C LEU A 320 25.06 -25.85 0.28
N ALA A 321 25.78 -25.32 -0.70
CA ALA A 321 26.99 -25.99 -1.19
C ALA A 321 27.94 -26.23 -0.02
N LEU A 322 28.09 -25.24 0.85
CA LEU A 322 29.12 -25.24 1.89
C LEU A 322 28.67 -26.08 3.09
N GLY A 323 27.38 -26.31 3.31
CA GLY A 323 26.96 -26.94 4.57
C GLY A 323 25.65 -27.67 4.48
N GLY A 324 25.10 -27.92 3.30
CA GLY A 324 23.79 -28.56 3.18
C GLY A 324 22.74 -27.74 3.91
N TRP A 325 21.74 -28.36 4.48
CA TRP A 325 20.65 -27.55 5.09
C TRP A 325 21.18 -26.64 6.18
N GLN A 326 22.16 -27.08 6.95
CA GLN A 326 22.68 -26.26 8.06
C GLN A 326 23.43 -25.04 7.49
N GLY A 327 24.10 -25.20 6.36
CA GLY A 327 24.79 -24.06 5.74
C GLY A 327 23.79 -23.09 5.14
N ALA A 328 22.77 -23.60 4.48
CA ALA A 328 21.67 -22.74 3.94
C ALA A 328 21.01 -22.03 5.12
N TYR A 329 20.72 -22.75 6.20
CA TYR A 329 20.08 -22.17 7.40
C TYR A 329 20.96 -21.04 7.90
N SER A 330 22.27 -21.25 7.96
CA SER A 330 23.25 -20.25 8.44
C SER A 330 23.10 -18.92 7.65
N VAL A 331 22.85 -19.04 6.37
CA VAL A 331 22.67 -17.82 5.51
C VAL A 331 21.38 -17.13 5.91
N LEU A 332 20.30 -17.87 6.06
CA LEU A 332 19.00 -17.26 6.48
C LEU A 332 19.18 -16.59 7.84
N ASP A 333 19.87 -17.26 8.77
CA ASP A 333 20.10 -16.70 10.12
C ASP A 333 20.94 -15.41 10.03
N TYR A 334 21.93 -15.39 9.16
CA TYR A 334 22.78 -14.21 8.90
C TYR A 334 21.88 -13.05 8.48
N PHE A 335 21.02 -13.26 7.48
CA PHE A 335 20.14 -12.19 6.98
C PHE A 335 19.25 -11.67 8.12
N GLN A 336 18.69 -12.57 8.93
CA GLN A 336 17.80 -12.12 10.03
C GLN A 336 18.59 -11.29 11.04
N LYS A 337 19.78 -11.72 11.43
CA LYS A 337 20.58 -10.98 12.43
C LYS A 337 21.08 -9.65 11.85
N ASP A 338 21.51 -9.67 10.58
CA ASP A 338 21.97 -8.48 9.85
C ASP A 338 20.83 -7.45 9.79
N LEU A 339 19.65 -7.89 9.39
CA LEU A 339 18.49 -6.98 9.39
C LEU A 339 18.20 -6.42 10.78
N THR A 340 18.30 -7.25 11.82
CA THR A 340 18.00 -6.76 13.18
C THR A 340 18.93 -5.60 13.51
N ARG A 341 20.21 -5.70 13.17
CA ARG A 341 21.14 -4.59 13.45
C ARG A 341 20.68 -3.36 12.69
N VAL A 342 20.36 -3.53 11.42
CA VAL A 342 19.97 -2.38 10.56
C VAL A 342 18.72 -1.76 11.14
N MET A 343 17.79 -2.57 11.63
CA MET A 343 16.55 -2.01 12.22
C MET A 343 16.93 -1.17 13.45
N GLN A 344 17.79 -1.68 14.32
CA GLN A 344 18.15 -0.91 15.51
C GLN A 344 18.74 0.45 15.10
N LEU A 345 19.65 0.45 14.11
CA LEU A 345 20.40 1.68 13.79
C LEU A 345 19.53 2.66 13.01
N THR A 346 18.51 2.18 12.30
CA THR A 346 17.57 3.06 11.57
C THR A 346 16.39 3.53 12.40
N GLY A 347 16.28 3.09 13.66
CA GLY A 347 15.16 3.47 14.53
C GLY A 347 13.91 2.66 14.25
N SER A 348 14.05 1.47 13.72
CA SER A 348 12.92 0.61 13.29
C SER A 348 12.65 -0.51 14.31
N GLN A 349 11.53 -0.47 14.98
CA GLN A 349 11.20 -1.52 15.99
C GLN A 349 10.64 -2.78 15.33
N ASN A 350 10.08 -2.62 14.13
CA ASN A 350 9.36 -3.70 13.44
C ASN A 350 9.42 -3.51 11.91
N VAL A 351 8.95 -4.51 11.19
CA VAL A 351 9.06 -4.47 9.71
C VAL A 351 8.20 -3.34 9.15
N GLU A 352 7.08 -2.99 9.77
CA GLU A 352 6.29 -1.88 9.23
C GLU A 352 7.11 -0.58 9.32
N ASP A 353 7.89 -0.40 10.38
CA ASP A 353 8.68 0.83 10.50
C ASP A 353 9.66 0.91 9.31
N LEU A 354 10.25 -0.21 8.91
CA LEU A 354 11.17 -0.22 7.73
C LEU A 354 10.49 0.31 6.49
N LYS A 355 9.21 0.00 6.33
CA LYS A 355 8.46 0.45 5.13
C LYS A 355 8.38 1.97 5.12
N GLY A 356 8.46 2.60 6.29
CA GLY A 356 8.39 4.06 6.43
C GLY A 356 9.70 4.79 6.33
N LEU A 357 10.82 4.13 6.03
CA LEU A 357 12.12 4.85 6.02
C LEU A 357 12.23 5.78 4.81
N ASP A 358 12.82 6.95 5.02
CA ASP A 358 13.34 7.78 3.92
C ASP A 358 14.76 7.35 3.65
N LEU A 359 15.08 7.34 2.37
CA LEU A 359 16.43 7.02 1.86
C LEU A 359 17.07 8.27 1.30
N PHE A 360 18.40 8.32 1.44
CA PHE A 360 19.23 9.39 0.91
C PHE A 360 19.51 9.10 -0.56
N ASP A 361 19.20 10.03 -1.47
CA ASP A 361 19.51 9.87 -2.91
C ASP A 361 20.98 10.14 -3.14
N ASN A 362 21.67 9.16 -3.68
CA ASN A 362 23.09 9.26 -4.03
C ASN A 362 23.21 9.37 -5.55
N PRO A 363 23.29 10.58 -6.11
CA PRO A 363 23.35 10.72 -7.57
C PRO A 363 24.72 10.38 -8.15
N TYR A 364 25.73 10.22 -7.31
CA TYR A 364 27.10 9.88 -7.75
C TYR A 364 27.20 8.37 -8.01
N GLY A 365 26.30 7.57 -7.47
CA GLY A 365 26.35 6.11 -7.64
C GLY A 365 27.58 5.52 -6.99
N TYR A 366 28.08 4.43 -7.54
CA TYR A 366 28.98 3.52 -6.78
C TYR A 366 30.32 4.17 -6.43
N GLU A 367 30.93 4.90 -7.33
CA GLU A 367 32.26 5.47 -7.08
C GLU A 367 32.19 6.69 -6.15
N TYR A 368 31.01 7.30 -5.99
CA TYR A 368 30.81 8.43 -5.00
C TYR A 368 31.67 9.70 -5.26
N GLU B 1 -32.58 32.14 17.08
CA GLU B 1 -32.70 33.32 16.17
C GLU B 1 -32.05 33.02 14.81
N TYR B 2 -32.25 31.83 14.27
CA TYR B 2 -31.54 31.37 13.05
C TYR B 2 -32.52 30.62 12.14
N ASN B 3 -32.78 31.18 10.97
CA ASN B 3 -33.82 30.65 10.05
C ASN B 3 -33.14 29.84 8.94
N ALA B 4 -32.74 28.62 9.26
CA ALA B 4 -32.18 27.72 8.26
C ALA B 4 -33.27 27.27 7.32
N PRO B 5 -32.90 26.94 6.07
CA PRO B 5 -33.80 26.26 5.15
C PRO B 5 -34.34 24.96 5.76
N SER B 6 -35.54 24.55 5.33
CA SER B 6 -36.19 23.31 5.82
C SER B 6 -36.78 22.45 4.70
N GLU B 7 -36.71 22.89 3.45
CA GLU B 7 -37.34 22.18 2.33
C GLU B 7 -36.55 20.91 2.07
N ILE B 8 -37.23 19.81 1.81
CA ILE B 8 -36.57 18.53 1.44
C ILE B 8 -36.92 18.28 -0.02
N LYS B 9 -35.92 18.14 -0.89
CA LYS B 9 -36.14 17.81 -2.30
C LYS B 9 -34.84 17.28 -2.89
N TYR B 10 -34.94 16.49 -3.95
CA TYR B 10 -33.78 16.18 -4.82
C TYR B 10 -33.44 17.41 -5.64
N ILE B 11 -32.17 17.50 -6.03
CA ILE B 11 -31.65 18.63 -6.83
C ILE B 11 -30.86 18.03 -8.00
N ASP B 12 -30.93 18.71 -9.14
CA ASP B 12 -30.25 18.24 -10.36
C ASP B 12 -28.84 18.83 -10.32
N VAL B 13 -27.84 18.06 -9.88
CA VAL B 13 -26.47 18.63 -9.68
C VAL B 13 -25.73 18.54 -11.02
N VAL B 14 -25.45 19.68 -11.60
CA VAL B 14 -24.67 19.77 -12.85
C VAL B 14 -23.18 19.76 -12.45
N ASN B 15 -22.87 20.51 -11.39
CA ASN B 15 -21.49 20.54 -10.82
C ASN B 15 -21.63 21.04 -9.39
N THR B 16 -20.67 20.79 -8.51
CA THR B 16 -20.79 21.16 -7.08
C THR B 16 -20.39 22.61 -6.87
N TYR B 17 -19.70 23.26 -7.81
CA TYR B 17 -19.27 24.66 -7.62
C TYR B 17 -20.49 25.58 -7.57
N ASP B 18 -21.43 25.32 -8.47
CA ASP B 18 -22.70 26.08 -8.58
C ASP B 18 -23.50 25.93 -7.26
N LEU B 19 -23.30 24.89 -6.44
CA LEU B 19 -24.09 24.72 -5.17
C LEU B 19 -23.74 25.80 -4.15
N GLU B 20 -22.53 26.32 -4.17
CA GLU B 20 -22.08 27.36 -3.22
C GLU B 20 -22.93 28.61 -3.46
N GLU B 21 -22.94 29.16 -4.67
CA GLU B 21 -23.71 30.39 -4.95
C GLU B 21 -25.18 30.07 -4.70
N GLU B 22 -25.66 28.89 -5.04
CA GLU B 22 -27.10 28.56 -4.81
C GLU B 22 -27.35 28.46 -3.30
N ALA B 23 -28.37 29.15 -2.81
CA ALA B 23 -28.97 29.02 -1.43
C ALA B 23 -29.32 30.34 -0.68
N SER B 24 -28.48 31.37 -0.64
CA SER B 24 -28.73 32.46 0.35
C SER B 24 -29.77 33.47 -0.15
N LYS B 25 -31.06 33.13 -0.06
CA LYS B 25 -32.18 34.13 -0.05
C LYS B 25 -33.24 33.77 1.00
N VAL B 26 -32.99 32.73 1.81
CA VAL B 26 -33.52 32.61 3.21
C VAL B 26 -32.36 32.18 4.12
N VAL B 27 -31.14 31.99 3.57
CA VAL B 27 -30.12 31.04 4.11
C VAL B 27 -28.88 31.76 4.67
N PRO B 28 -28.87 31.84 5.99
CA PRO B 28 -28.48 33.08 6.64
C PRO B 28 -27.02 33.47 6.38
N HIS B 29 -26.79 34.75 6.15
CA HIS B 29 -25.47 35.30 5.73
C HIS B 29 -24.37 34.79 6.68
N GLY B 30 -24.54 34.93 7.99
CA GLY B 30 -23.49 34.56 8.95
C GLY B 30 -23.14 33.08 8.88
N GLY B 31 -24.13 32.22 8.90
CA GLY B 31 -23.89 30.77 8.83
C GLY B 31 -23.35 30.40 7.47
N PHE B 32 -23.78 31.04 6.40
CA PHE B 32 -23.29 30.68 5.04
C PHE B 32 -21.78 30.95 5.02
N ASN B 33 -21.38 32.11 5.53
CA ASN B 33 -19.97 32.54 5.47
C ASN B 33 -19.15 31.70 6.42
N TYR B 34 -19.73 31.18 7.50
CA TYR B 34 -19.06 30.21 8.41
C TYR B 34 -18.75 28.95 7.61
N ILE B 35 -19.69 28.48 6.81
CA ILE B 35 -19.49 27.20 6.06
C ILE B 35 -18.52 27.45 4.91
N ALA B 36 -18.70 28.51 4.15
CA ALA B 36 -17.97 28.69 2.88
C ALA B 36 -16.55 29.20 3.15
N GLY B 37 -16.35 30.03 4.16
CA GLY B 37 -15.12 30.80 4.31
C GLY B 37 -13.93 29.93 4.71
N ALA B 38 -12.79 30.59 4.74
CA ALA B 38 -11.50 29.94 5.02
C ALA B 38 -10.53 30.99 5.56
N SER B 39 -9.32 30.56 5.89
CA SER B 39 -8.39 31.46 6.60
C SER B 39 -7.87 32.53 5.68
N GLY B 40 -7.49 33.64 6.27
CA GLY B 40 -6.87 34.76 5.56
C GLY B 40 -7.75 35.25 4.43
N ASP B 41 -7.18 35.47 3.24
CA ASP B 41 -7.91 35.89 2.03
C ASP B 41 -8.34 34.66 1.21
N GLU B 42 -8.29 33.48 1.81
CA GLU B 42 -8.75 32.20 1.20
C GLU B 42 -7.80 31.71 0.11
N TRP B 43 -6.59 32.23 0.08
CA TRP B 43 -5.63 31.79 -0.98
C TRP B 43 -5.41 30.28 -0.85
N THR B 44 -5.33 29.73 0.36
CA THR B 44 -5.07 28.27 0.51
C THR B 44 -6.33 27.47 0.17
N LYS B 45 -7.55 28.03 0.36
CA LYS B 45 -8.75 27.34 -0.17
C LYS B 45 -8.70 27.29 -1.70
N ARG B 46 -8.31 28.38 -2.33
CA ARG B 46 -8.11 28.43 -3.78
C ARG B 46 -7.01 27.41 -4.14
N ALA B 47 -5.97 27.30 -3.37
CA ALA B 47 -4.86 26.35 -3.64
C ALA B 47 -5.40 24.91 -3.55
N ASN B 48 -6.29 24.59 -2.59
CA ASN B 48 -6.92 23.26 -2.54
C ASN B 48 -7.58 22.93 -3.88
N ASP B 49 -8.28 23.92 -4.44
CA ASP B 49 -9.00 23.73 -5.70
C ASP B 49 -8.07 23.67 -6.90
N ARG B 50 -7.09 24.58 -6.99
CA ARG B 50 -6.20 24.67 -8.17
C ARG B 50 -5.23 23.49 -8.16
N ALA B 51 -4.96 22.86 -7.01
CA ALA B 51 -3.99 21.75 -6.93
C ALA B 51 -4.42 20.61 -7.86
N TRP B 52 -5.70 20.45 -8.13
CA TRP B 52 -6.18 19.35 -8.99
C TRP B 52 -5.65 19.54 -10.41
N LYS B 53 -5.36 20.76 -10.82
CA LYS B 53 -4.82 20.99 -12.19
C LYS B 53 -3.33 20.67 -12.27
N HIS B 54 -2.67 20.33 -11.17
CA HIS B 54 -1.23 20.01 -11.19
C HIS B 54 -0.93 18.65 -11.75
N LYS B 55 -1.89 17.75 -11.65
CA LYS B 55 -1.75 16.35 -12.06
C LYS B 55 -2.99 16.03 -12.86
N LEU B 56 -2.84 15.72 -14.15
CA LEU B 56 -4.02 15.65 -15.04
C LEU B 56 -4.26 14.21 -15.45
N LEU B 57 -5.51 13.86 -15.66
CA LEU B 57 -5.85 12.47 -16.06
C LEU B 57 -5.61 12.29 -17.54
N TYR B 58 -5.15 11.09 -17.90
CA TYR B 58 -5.15 10.63 -19.31
C TYR B 58 -6.39 9.79 -19.61
N PRO B 59 -7.04 10.06 -20.76
CA PRO B 59 -8.02 9.10 -21.25
C PRO B 59 -7.19 7.88 -21.67
N ARG B 60 -7.68 6.67 -21.43
CA ARG B 60 -6.98 5.44 -21.83
C ARG B 60 -7.98 4.59 -22.61
N LEU B 61 -7.63 4.28 -23.87
CA LEU B 61 -8.50 3.72 -24.94
C LEU B 61 -8.35 2.20 -25.04
N ALA B 62 -9.43 1.60 -25.58
CA ALA B 62 -9.63 0.16 -25.82
C ALA B 62 -9.12 -0.64 -24.61
N GLN B 63 -9.66 -0.31 -23.44
CA GLN B 63 -9.20 -0.83 -22.12
C GLN B 63 -9.97 -2.03 -21.66
N ASP B 64 -11.00 -2.40 -22.43
CA ASP B 64 -11.84 -3.60 -22.20
C ASP B 64 -12.67 -3.40 -20.92
N VAL B 65 -13.25 -2.21 -20.75
CA VAL B 65 -14.03 -1.80 -19.54
C VAL B 65 -15.47 -1.48 -19.93
N GLU B 66 -16.44 -1.92 -19.13
CA GLU B 66 -17.81 -1.39 -19.18
C GLU B 66 -18.44 -1.59 -17.80
N ALA B 67 -19.44 -0.76 -17.49
CA ALA B 67 -20.17 -0.80 -16.22
C ALA B 67 -19.14 -0.83 -15.11
N PRO B 68 -18.35 0.25 -14.96
CA PRO B 68 -17.42 0.27 -13.87
C PRO B 68 -18.18 0.10 -12.57
N ASP B 69 -17.49 -0.45 -11.60
CA ASP B 69 -18.01 -0.68 -10.25
C ASP B 69 -17.32 0.31 -9.32
N THR B 70 -18.03 1.20 -8.63
CA THR B 70 -17.41 2.20 -7.72
C THR B 70 -17.25 1.66 -6.30
N SER B 71 -17.65 0.43 -5.99
CA SER B 71 -17.66 -0.05 -4.62
C SER B 71 -16.24 -0.24 -4.10
N THR B 72 -16.04 -0.06 -2.81
CA THR B 72 -14.72 -0.36 -2.19
C THR B 72 -14.96 -0.77 -0.74
N GLU B 73 -13.90 -1.08 -0.03
CA GLU B 73 -14.00 -1.47 1.38
C GLU B 73 -12.96 -0.67 2.14
N ILE B 74 -13.31 -0.21 3.32
CA ILE B 74 -12.34 0.41 4.24
C ILE B 74 -12.67 -0.03 5.67
N LEU B 75 -11.63 -0.53 6.34
CA LEU B 75 -11.71 -1.07 7.73
C LEU B 75 -12.91 -2.02 7.80
N GLY B 76 -13.03 -2.91 6.80
CA GLY B 76 -14.08 -3.93 6.62
C GLY B 76 -15.49 -3.37 6.37
N HIS B 77 -15.67 -2.06 6.16
CA HIS B 77 -16.98 -1.52 5.71
C HIS B 77 -16.99 -1.58 4.19
N LYS B 78 -17.92 -2.31 3.57
CA LYS B 78 -18.16 -2.23 2.11
C LYS B 78 -19.00 -0.97 1.86
N ILE B 79 -18.56 -0.08 1.00
CA ILE B 79 -19.21 1.21 0.72
C ILE B 79 -19.42 1.36 -0.79
N LYS B 80 -20.43 2.11 -1.18
CA LYS B 80 -20.91 2.15 -2.57
C LYS B 80 -19.94 2.87 -3.50
N ALA B 81 -19.10 3.75 -2.97
CA ALA B 81 -18.17 4.57 -3.76
C ALA B 81 -17.07 4.94 -2.79
N PRO B 82 -15.88 5.30 -3.31
CA PRO B 82 -14.71 5.53 -2.46
C PRO B 82 -14.66 6.94 -1.89
N PHE B 83 -15.76 7.30 -1.28
CA PHE B 83 -15.86 8.58 -0.56
C PHE B 83 -16.74 8.39 0.65
N ILE B 84 -16.43 9.14 1.67
CA ILE B 84 -17.15 9.14 2.97
C ILE B 84 -17.52 10.58 3.29
N MET B 85 -18.34 10.77 4.32
CA MET B 85 -18.68 12.12 4.76
C MET B 85 -17.67 12.62 5.78
N ALA B 86 -17.11 13.80 5.54
CA ALA B 86 -16.15 14.40 6.48
C ALA B 86 -16.89 14.83 7.73
N PRO B 87 -16.20 14.89 8.88
CA PRO B 87 -16.78 15.42 10.11
C PRO B 87 -16.89 16.94 9.98
N ILE B 88 -18.09 17.48 10.07
CA ILE B 88 -18.38 18.93 9.96
C ILE B 88 -19.31 19.30 11.10
N ALA B 89 -18.97 20.36 11.84
CA ALA B 89 -19.78 20.86 12.96
C ALA B 89 -21.07 21.45 12.42
N ALA B 90 -22.10 21.48 13.25
CA ALA B 90 -23.16 22.50 13.15
C ALA B 90 -23.91 22.44 11.80
N HIS B 91 -24.40 21.26 11.42
CA HIS B 91 -25.14 21.15 10.14
C HIS B 91 -26.44 21.96 10.19
N GLY B 92 -26.90 22.27 11.38
CA GLY B 92 -28.10 23.13 11.49
C GLY B 92 -27.89 24.53 10.93
N LEU B 93 -26.65 24.97 10.69
CA LEU B 93 -26.45 26.23 9.97
C LEU B 93 -26.94 26.09 8.53
N ALA B 94 -26.93 24.89 7.95
CA ALA B 94 -27.32 24.67 6.54
C ALA B 94 -28.80 24.32 6.46
N HIS B 95 -29.32 23.51 7.38
CA HIS B 95 -30.71 22.98 7.25
C HIS B 95 -31.25 22.60 8.61
N THR B 96 -32.56 22.77 8.80
CA THR B 96 -33.21 22.47 10.10
C THR B 96 -33.09 20.99 10.45
N THR B 97 -32.96 20.07 9.48
CA THR B 97 -32.80 18.63 9.79
C THR B 97 -31.35 18.32 10.19
N LYS B 98 -30.47 19.30 10.01
CA LYS B 98 -29.08 19.28 10.54
C LYS B 98 -28.44 17.88 10.30
N GLU B 99 -27.70 17.37 11.26
CA GLU B 99 -26.85 16.17 11.08
C GLU B 99 -27.74 14.96 10.77
N ALA B 100 -29.00 14.94 11.25
CA ALA B 100 -29.88 13.79 10.96
C ALA B 100 -30.15 13.72 9.46
N GLY B 101 -30.33 14.86 8.82
CA GLY B 101 -30.52 14.92 7.38
C GLY B 101 -29.29 14.41 6.64
N THR B 102 -28.12 14.90 7.06
CA THR B 102 -26.90 14.44 6.38
C THR B 102 -26.76 12.93 6.55
N ALA B 103 -26.97 12.44 7.78
CA ALA B 103 -26.83 11.01 8.11
C ALA B 103 -27.78 10.17 7.24
N ARG B 104 -28.99 10.65 7.03
CA ARG B 104 -29.95 9.86 6.22
C ARG B 104 -29.44 9.76 4.79
N ALA B 105 -28.91 10.86 4.24
CA ALA B 105 -28.36 10.86 2.86
C ALA B 105 -27.22 9.86 2.77
N VAL B 106 -26.29 9.96 3.72
CA VAL B 106 -25.07 9.10 3.72
C VAL B 106 -25.46 7.63 3.85
N SER B 107 -26.36 7.31 4.78
CA SER B 107 -26.77 5.91 5.04
C SER B 107 -27.55 5.37 3.82
N GLU B 108 -28.44 6.18 3.23
CA GLU B 108 -29.26 5.70 2.10
C GLU B 108 -28.37 5.50 0.87
N PHE B 109 -27.37 6.36 0.73
CA PHE B 109 -26.43 6.24 -0.39
C PHE B 109 -25.56 5.00 -0.18
N GLY B 110 -25.13 4.73 1.04
CA GLY B 110 -24.33 3.55 1.34
C GLY B 110 -22.85 3.86 1.55
N THR B 111 -22.56 4.84 2.37
CA THR B 111 -21.17 5.10 2.81
C THR B 111 -21.16 5.44 4.30
N ILE B 112 -20.03 5.93 4.78
CA ILE B 112 -19.74 6.13 6.22
C ILE B 112 -19.99 7.58 6.60
N MET B 113 -20.71 7.78 7.70
CA MET B 113 -20.98 9.08 8.30
C MET B 113 -19.89 9.36 9.32
N SER B 114 -19.25 10.52 9.26
CA SER B 114 -18.32 11.00 10.30
C SER B 114 -19.08 12.04 11.12
N ILE B 115 -19.13 11.81 12.43
CA ILE B 115 -19.86 12.67 13.38
C ILE B 115 -18.84 13.58 14.04
N SER B 116 -19.00 14.88 13.86
CA SER B 116 -18.23 15.91 14.56
C SER B 116 -18.58 15.91 16.05
N ALA B 117 -17.59 16.06 16.91
CA ALA B 117 -17.82 16.31 18.35
C ALA B 117 -18.64 17.59 18.52
N TYR B 118 -18.58 18.51 17.54
CA TYR B 118 -19.33 19.79 17.61
C TYR B 118 -20.64 19.73 16.82
N SER B 119 -21.22 18.55 16.68
CA SER B 119 -22.59 18.35 16.15
C SER B 119 -23.59 19.21 16.93
N GLY B 120 -24.53 19.82 16.22
CA GLY B 120 -25.70 20.45 16.87
C GLY B 120 -26.78 19.43 17.19
N ALA B 121 -26.68 18.23 16.66
CA ALA B 121 -27.66 17.14 16.90
C ALA B 121 -27.13 16.21 17.99
N THR B 122 -28.03 15.66 18.82
CA THR B 122 -27.64 14.60 19.76
C THR B 122 -27.31 13.34 18.97
N PHE B 123 -26.59 12.39 19.56
CA PHE B 123 -26.34 11.11 18.88
C PHE B 123 -27.68 10.46 18.52
N GLU B 124 -28.70 10.62 19.36
CA GLU B 124 -29.99 9.92 19.14
C GLU B 124 -30.67 10.52 17.92
N GLU B 125 -30.57 11.85 17.74
CA GLU B 125 -31.10 12.49 16.51
C GLU B 125 -30.35 11.95 15.29
N ILE B 126 -29.01 11.90 15.35
CA ILE B 126 -28.19 11.43 14.20
C ILE B 126 -28.49 9.95 13.95
N SER B 127 -28.56 9.14 15.01
CA SER B 127 -28.85 7.69 14.97
C SER B 127 -30.13 7.42 14.16
N GLU B 128 -31.13 8.27 14.31
CA GLU B 128 -32.44 8.15 13.61
C GLU B 128 -32.24 8.29 12.11
N GLY B 129 -31.44 9.27 11.68
CA GLY B 129 -31.07 9.41 10.26
C GLY B 129 -30.21 8.27 9.75
N LEU B 130 -29.29 7.77 10.57
CA LEU B 130 -28.29 6.74 10.18
C LEU B 130 -28.97 5.39 9.93
N ASN B 131 -29.99 5.08 10.73
CA ASN B 131 -30.79 3.84 10.54
C ASN B 131 -29.86 2.64 10.39
N GLY B 132 -28.89 2.47 11.30
CA GLY B 132 -27.96 1.35 11.36
C GLY B 132 -26.74 1.50 10.47
N GLY B 133 -26.63 2.62 9.76
CA GLY B 133 -25.50 2.87 8.85
C GLY B 133 -24.21 3.06 9.64
N PRO B 134 -23.06 2.79 9.00
CA PRO B 134 -21.78 2.94 9.68
C PRO B 134 -21.44 4.39 10.00
N ARG B 135 -20.78 4.54 11.13
CA ARG B 135 -20.40 5.90 11.61
C ARG B 135 -19.05 5.83 12.28
N TRP B 136 -18.28 6.89 12.07
CA TRP B 136 -17.00 7.16 12.77
C TRP B 136 -17.19 8.41 13.61
N PHE B 137 -16.53 8.50 14.74
CA PHE B 137 -16.69 9.66 15.62
C PHE B 137 -15.41 10.49 15.59
N GLN B 138 -15.57 11.77 15.35
CA GLN B 138 -14.43 12.73 15.37
C GLN B 138 -14.37 13.42 16.72
N ILE B 139 -13.21 13.34 17.34
CA ILE B 139 -12.96 14.00 18.65
C ILE B 139 -11.90 15.09 18.50
N TYR B 140 -11.84 16.00 19.47
CA TYR B 140 -10.65 16.83 19.74
C TYR B 140 -9.93 16.34 21.00
N MET B 141 -8.62 16.51 21.10
CA MET B 141 -7.89 16.02 22.29
C MET B 141 -8.19 16.95 23.46
N ALA B 142 -8.89 16.49 24.52
CA ALA B 142 -9.21 17.27 25.74
C ALA B 142 -7.96 17.45 26.58
N LYS B 143 -7.81 18.66 27.14
CA LYS B 143 -6.86 18.92 28.25
C LYS B 143 -7.17 17.99 29.43
N ASP B 144 -8.44 17.86 29.76
CA ASP B 144 -8.97 17.03 30.89
C ASP B 144 -9.15 15.60 30.38
N ASP B 145 -8.25 14.69 30.81
CA ASP B 145 -8.27 13.25 30.40
C ASP B 145 -9.63 12.62 30.68
N GLN B 146 -10.31 12.98 31.77
CA GLN B 146 -11.65 12.44 32.04
C GLN B 146 -12.57 12.69 30.84
N GLN B 147 -12.39 13.86 30.20
CA GLN B 147 -13.22 14.24 29.04
C GLN B 147 -12.84 13.38 27.84
N ASN B 148 -11.57 12.98 27.71
CA ASN B 148 -11.15 12.05 26.62
C ASN B 148 -11.84 10.69 26.88
N ARG B 149 -11.78 10.19 28.12
CA ARG B 149 -12.45 8.90 28.44
C ARG B 149 -13.94 8.97 28.17
N ASP B 150 -14.55 10.08 28.54
CA ASP B 150 -16.01 10.27 28.43
C ASP B 150 -16.43 10.19 26.96
N ILE B 151 -15.72 10.91 26.08
CA ILE B 151 -16.21 11.00 24.68
C ILE B 151 -15.86 9.68 23.95
N LEU B 152 -14.77 9.02 24.33
CA LEU B 152 -14.41 7.71 23.72
C LEU B 152 -15.51 6.71 24.14
N ASP B 153 -16.00 6.79 25.38
CA ASP B 153 -17.08 5.84 25.79
C ASP B 153 -18.36 6.14 25.02
N GLU B 154 -18.72 7.42 24.89
CA GLU B 154 -19.90 7.87 24.12
C GLU B 154 -19.78 7.30 22.70
N ALA B 155 -18.61 7.43 22.10
CA ALA B 155 -18.37 6.95 20.72
C ALA B 155 -18.69 5.47 20.66
N LYS B 156 -18.12 4.67 21.55
CA LYS B 156 -18.25 3.21 21.43
C LYS B 156 -19.71 2.79 21.66
N SER B 157 -20.38 3.42 22.63
CA SER B 157 -21.82 3.15 22.97
C SER B 157 -22.71 3.46 21.76
N ASP B 158 -22.35 4.52 21.03
CA ASP B 158 -23.05 5.01 19.82
C ASP B 158 -22.67 4.20 18.57
N GLY B 159 -21.93 3.12 18.70
CA GLY B 159 -21.65 2.18 17.60
C GLY B 159 -20.58 2.69 16.63
N ALA B 160 -19.75 3.63 17.05
CA ALA B 160 -18.61 4.05 16.20
C ALA B 160 -17.70 2.85 15.95
N THR B 161 -17.19 2.77 14.73
CA THR B 161 -16.23 1.72 14.33
C THR B 161 -14.87 2.32 13.99
N ALA B 162 -14.70 3.62 14.21
CA ALA B 162 -13.36 4.26 14.20
C ALA B 162 -13.50 5.59 14.90
N ILE B 163 -12.36 6.10 15.39
CA ILE B 163 -12.25 7.45 15.99
C ILE B 163 -11.40 8.30 15.04
N ILE B 164 -11.79 9.54 14.82
CA ILE B 164 -11.02 10.51 14.00
C ILE B 164 -10.48 11.53 15.00
N LEU B 165 -9.19 11.53 15.26
CA LEU B 165 -8.56 12.50 16.15
C LEU B 165 -8.14 13.68 15.30
N THR B 166 -8.88 14.77 15.33
CA THR B 166 -8.50 16.01 14.58
C THR B 166 -7.41 16.70 15.34
N ALA B 167 -6.26 16.93 14.71
CA ALA B 167 -5.11 17.42 15.49
C ALA B 167 -4.80 18.85 15.14
N ASP B 168 -5.37 19.37 14.03
CA ASP B 168 -4.87 20.55 13.26
C ASP B 168 -5.63 21.79 13.71
N SER B 169 -6.31 21.70 14.85
CA SER B 169 -7.27 22.74 15.28
C SER B 169 -7.04 23.13 16.73
N THR B 170 -5.80 23.02 17.21
CA THR B 170 -5.47 23.28 18.64
C THR B 170 -5.81 24.75 18.94
N VAL B 171 -5.71 25.62 17.93
CA VAL B 171 -6.32 26.99 17.90
C VAL B 171 -7.01 27.17 16.55
N SER B 172 -7.89 28.16 16.49
CA SER B 172 -8.68 28.48 15.28
C SER B 172 -7.78 29.07 14.20
N GLY B 173 -8.15 28.82 12.94
CA GLY B 173 -7.65 29.57 11.80
C GLY B 173 -8.14 30.99 11.87
N ASN B 174 -7.43 31.87 11.18
CA ASN B 174 -7.70 33.31 11.05
C ASN B 174 -8.76 33.46 9.98
N ARG B 175 -10.03 33.16 10.33
CA ARG B 175 -11.19 33.06 9.42
C ARG B 175 -11.82 34.44 9.30
N ASP B 176 -11.35 35.24 8.35
CA ASP B 176 -11.68 36.68 8.27
C ASP B 176 -13.18 36.90 8.14
N ARG B 177 -13.87 36.02 7.41
CA ARG B 177 -15.33 36.17 7.18
C ARG B 177 -16.07 36.17 8.52
N ASP B 178 -15.76 35.21 9.39
CA ASP B 178 -16.43 35.05 10.71
C ASP B 178 -16.11 36.25 11.61
N VAL B 179 -14.86 36.73 11.58
CA VAL B 179 -14.42 37.93 12.36
C VAL B 179 -15.24 39.14 11.89
N LYS B 180 -15.31 39.38 10.57
CA LYS B 180 -15.97 40.58 9.99
C LYS B 180 -17.49 40.49 10.17
N ASN B 181 -18.02 39.28 10.35
CA ASN B 181 -19.47 39.02 10.53
C ASN B 181 -19.83 38.97 12.01
N LYS B 182 -18.84 39.00 12.91
CA LYS B 182 -18.96 38.65 14.35
C LYS B 182 -19.87 37.42 14.48
N PHE B 183 -19.48 36.32 13.86
CA PHE B 183 -20.32 35.09 13.83
C PHE B 183 -20.21 34.36 15.16
N VAL B 184 -21.37 34.06 15.75
CA VAL B 184 -21.53 33.18 16.96
C VAL B 184 -22.46 32.02 16.57
N TYR B 185 -22.12 30.79 17.01
CA TYR B 185 -23.01 29.62 16.91
C TYR B 185 -24.36 30.02 17.52
N PRO B 186 -25.48 29.81 16.79
CA PRO B 186 -26.80 30.12 17.33
C PRO B 186 -27.45 28.99 18.13
N PHE B 187 -26.74 27.88 18.31
CA PHE B 187 -27.23 26.70 19.05
C PHE B 187 -26.05 26.01 19.74
N GLY B 188 -26.36 24.99 20.53
CA GLY B 188 -25.40 24.31 21.41
C GLY B 188 -24.78 23.11 20.75
N MET B 189 -23.85 22.49 21.45
CA MET B 189 -23.13 21.25 21.05
C MET B 189 -23.47 20.18 22.07
N PRO B 190 -24.58 19.45 21.89
CA PRO B 190 -25.04 18.53 22.92
C PRO B 190 -24.09 17.36 23.20
N ILE B 191 -23.32 16.88 22.21
CA ILE B 191 -22.42 15.71 22.41
C ILE B 191 -21.39 16.08 23.47
N VAL B 192 -20.79 17.26 23.38
CA VAL B 192 -19.70 17.71 24.30
C VAL B 192 -20.32 18.59 25.40
N GLN B 193 -21.51 18.22 25.89
CA GLN B 193 -22.08 18.77 27.14
C GLN B 193 -21.32 18.13 28.31
N ARG B 194 -20.20 18.75 28.70
CA ARG B 194 -19.26 18.25 29.74
C ARG B 194 -17.98 19.10 29.85
N TYR B 195 -17.61 19.93 28.85
CA TYR B 195 -16.30 20.65 28.79
C TYR B 195 -16.44 22.14 29.12
N LEU B 196 -17.41 22.82 28.50
CA LEU B 196 -17.47 24.30 28.38
C LEU B 196 -17.88 24.93 29.72
N ARG B 197 -17.97 24.14 30.79
CA ARG B 197 -18.14 24.59 32.21
C ARG B 197 -19.32 25.56 32.30
N GLY B 198 -19.16 26.78 31.78
CA GLY B 198 -20.24 27.76 31.57
C GLY B 198 -21.03 27.45 30.31
N THR B 199 -21.41 28.49 29.57
CA THR B 199 -22.38 28.43 28.44
C THR B 199 -21.63 28.15 27.13
N ALA B 200 -22.31 27.47 26.19
CA ALA B 200 -21.82 27.16 24.82
C ALA B 200 -22.13 28.35 23.89
N GLU B 201 -23.30 28.95 24.06
CA GLU B 201 -23.77 30.16 23.30
C GLU B 201 -22.87 31.36 23.61
N GLY B 202 -22.47 31.52 24.88
CA GLY B 202 -21.60 32.61 25.35
C GLY B 202 -20.21 32.56 24.75
N MET B 203 -19.76 31.36 24.34
CA MET B 203 -18.44 31.12 23.69
C MET B 203 -18.62 31.15 22.16
N SER B 204 -17.96 32.12 21.50
CA SER B 204 -18.18 32.49 20.07
C SER B 204 -17.54 31.47 19.12
N LEU B 205 -16.21 31.32 19.19
CA LEU B 205 -15.43 30.44 18.28
C LEU B 205 -13.99 30.25 18.80
N ASN B 206 -13.36 31.29 19.36
CA ASN B 206 -11.96 31.26 19.84
C ASN B 206 -11.86 30.55 21.20
N ASN B 207 -12.92 30.61 22.01
CA ASN B 207 -12.94 30.09 23.41
C ASN B 207 -13.20 28.57 23.40
N ILE B 208 -13.88 28.05 22.37
CA ILE B 208 -14.28 26.61 22.25
C ILE B 208 -13.07 25.77 21.85
N TYR B 209 -12.28 26.24 20.86
CA TYR B 209 -10.99 25.63 20.43
C TYR B 209 -9.96 25.75 21.56
N GLY B 210 -10.17 26.71 22.47
CA GLY B 210 -9.33 26.98 23.65
C GLY B 210 -9.62 26.04 24.81
N ALA B 211 -10.88 25.66 25.03
CA ALA B 211 -11.33 24.75 26.10
C ALA B 211 -10.85 23.31 25.81
N SER B 212 -10.45 23.03 24.57
CA SER B 212 -9.88 21.74 24.13
C SER B 212 -8.36 21.77 24.30
N LYS B 213 -7.74 20.66 23.95
CA LYS B 213 -6.31 20.46 24.23
C LYS B 213 -5.52 21.18 23.15
N GLN B 214 -4.68 22.07 23.63
CA GLN B 214 -3.63 22.65 22.78
C GLN B 214 -2.43 21.68 22.75
N LYS B 215 -2.08 21.05 23.87
CA LYS B 215 -0.80 20.31 24.04
C LYS B 215 -0.95 18.83 23.64
N ILE B 216 -1.65 18.57 22.54
CA ILE B 216 -1.71 17.21 21.89
C ILE B 216 -0.27 16.74 21.67
N SER B 217 0.05 15.50 22.05
CA SER B 217 1.36 14.84 21.87
C SER B 217 1.12 13.45 21.27
N PRO B 218 2.16 12.74 20.76
CA PRO B 218 2.02 11.34 20.36
C PRO B 218 1.31 10.48 21.40
N ARG B 219 1.48 10.78 22.70
CA ARG B 219 0.90 9.91 23.76
C ARG B 219 -0.61 10.01 23.67
N ASP B 220 -1.11 11.20 23.33
CA ASP B 220 -2.54 11.47 23.02
C ASP B 220 -3.00 10.49 21.96
N ILE B 221 -2.24 10.41 20.85
CA ILE B 221 -2.51 9.42 19.75
C ILE B 221 -2.52 8.02 20.38
N GLU B 222 -1.47 7.70 21.17
CA GLU B 222 -1.29 6.37 21.85
C GLU B 222 -2.43 6.09 22.85
N GLU B 223 -2.87 7.10 23.59
CA GLU B 223 -3.87 6.97 24.69
C GLU B 223 -5.26 6.80 24.12
N ILE B 224 -5.55 7.57 23.04
CA ILE B 224 -6.82 7.42 22.32
C ILE B 224 -6.79 5.97 21.76
N ALA B 225 -5.65 5.65 21.14
CA ALA B 225 -5.38 4.37 20.45
C ALA B 225 -5.52 3.21 21.45
N ALA B 226 -5.39 3.46 22.76
CA ALA B 226 -5.46 2.45 23.86
C ALA B 226 -6.85 2.39 24.51
N HIS B 227 -7.46 3.54 24.91
CA HIS B 227 -8.79 3.59 25.58
C HIS B 227 -9.88 3.21 24.60
N SER B 228 -9.75 3.67 23.34
CA SER B 228 -10.83 3.61 22.33
C SER B 228 -11.19 2.15 22.07
N GLY B 229 -10.18 1.27 21.98
CA GLY B 229 -10.33 -0.09 21.41
C GLY B 229 -10.91 -0.03 20.01
N LEU B 230 -10.70 1.09 19.30
CA LEU B 230 -11.16 1.29 17.91
C LEU B 230 -9.97 1.80 17.10
N PRO B 231 -9.97 1.60 15.77
CA PRO B 231 -8.95 2.21 14.94
C PRO B 231 -9.03 3.73 15.05
N VAL B 232 -7.87 4.38 15.16
CA VAL B 232 -7.78 5.85 15.25
C VAL B 232 -7.18 6.39 13.95
N PHE B 233 -7.89 7.30 13.33
CA PHE B 233 -7.33 8.13 12.22
C PHE B 233 -6.81 9.41 12.83
N VAL B 234 -5.64 9.88 12.41
CA VAL B 234 -5.16 11.21 12.79
C VAL B 234 -5.41 12.13 11.59
N LYS B 235 -6.23 13.14 11.83
CA LYS B 235 -6.74 14.03 10.77
C LYS B 235 -6.08 15.40 10.85
N GLY B 236 -5.69 15.91 9.67
CA GLY B 236 -5.02 17.21 9.57
C GLY B 236 -3.59 17.05 9.12
N ILE B 237 -3.17 15.87 8.73
CA ILE B 237 -1.76 15.64 8.36
C ILE B 237 -1.52 16.23 6.97
N GLN B 238 -0.40 16.95 6.84
CA GLN B 238 0.05 17.53 5.56
C GLN B 238 1.54 17.28 5.35
N HIS B 239 2.26 16.83 6.37
CA HIS B 239 3.72 16.61 6.28
C HIS B 239 3.96 15.13 6.48
N PRO B 240 4.81 14.49 5.67
CA PRO B 240 5.02 13.04 5.79
C PRO B 240 5.58 12.60 7.15
N GLU B 241 6.42 13.43 7.78
CA GLU B 241 6.98 13.04 9.11
C GLU B 241 5.85 12.88 10.12
N ASP B 242 4.84 13.71 10.11
CA ASP B 242 3.71 13.52 11.02
C ASP B 242 3.01 12.20 10.77
N ALA B 243 2.92 11.77 9.51
CA ALA B 243 2.27 10.50 9.17
C ALA B 243 3.06 9.34 9.78
N ASP B 244 4.38 9.38 9.66
CA ASP B 244 5.26 8.34 10.26
C ASP B 244 5.14 8.38 11.79
N MET B 245 5.13 9.55 12.37
CA MET B 245 5.03 9.69 13.85
C MET B 245 3.71 9.09 14.28
N ALA B 246 2.62 9.45 13.59
CA ALA B 246 1.26 9.08 13.99
C ALA B 246 1.18 7.56 13.96
N ILE B 247 1.71 6.92 12.91
CA ILE B 247 1.60 5.45 12.80
C ILE B 247 2.43 4.82 13.93
N LYS B 248 3.60 5.35 14.20
CA LYS B 248 4.47 4.75 15.25
C LYS B 248 3.79 4.95 16.62
N ARG B 249 2.95 5.95 16.76
CA ARG B 249 2.24 6.22 18.03
C ARG B 249 0.95 5.42 18.12
N GLY B 250 0.57 4.62 17.13
CA GLY B 250 -0.56 3.70 17.22
C GLY B 250 -1.74 4.08 16.36
N ALA B 251 -1.62 5.10 15.50
CA ALA B 251 -2.74 5.41 14.57
C ALA B 251 -2.97 4.22 13.64
N SER B 252 -4.22 3.95 13.32
CA SER B 252 -4.67 2.89 12.40
C SER B 252 -5.03 3.48 11.03
N GLY B 253 -4.85 4.79 10.86
CA GLY B 253 -5.18 5.48 9.60
C GLY B 253 -4.64 6.88 9.61
N ILE B 254 -4.36 7.38 8.41
CA ILE B 254 -3.88 8.79 8.21
C ILE B 254 -4.94 9.52 7.42
N TRP B 255 -5.36 10.68 7.92
CA TRP B 255 -6.41 11.48 7.25
C TRP B 255 -5.75 12.79 6.82
N VAL B 256 -5.36 12.80 5.55
CA VAL B 256 -4.67 13.92 4.92
C VAL B 256 -5.70 15.03 4.72
N SER B 257 -5.44 16.19 5.29
CA SER B 257 -6.45 17.26 5.35
C SER B 257 -5.77 18.56 5.74
N ASN B 258 -6.29 19.67 5.25
CA ASN B 258 -6.02 20.99 5.90
C ASN B 258 -7.36 21.56 6.35
N HIS B 259 -8.31 20.70 6.66
CA HIS B 259 -9.56 21.19 7.27
C HIS B 259 -10.23 22.12 6.29
N GLY B 260 -10.18 21.88 4.98
CA GLY B 260 -10.86 22.77 4.02
C GLY B 260 -10.30 24.16 4.06
N ALA B 261 -9.00 24.32 4.34
CA ALA B 261 -8.28 25.62 4.40
C ALA B 261 -8.81 26.52 5.52
N ARG B 262 -9.44 25.93 6.53
CA ARG B 262 -10.02 26.73 7.65
C ARG B 262 -9.03 26.94 8.79
N GLN B 263 -7.83 26.38 8.67
CA GLN B 263 -6.81 26.42 9.74
C GLN B 263 -5.60 27.17 9.21
N LEU B 264 -4.46 26.53 9.06
CA LEU B 264 -3.25 27.31 8.73
C LEU B 264 -3.32 27.93 7.32
N TYR B 265 -3.09 29.23 7.28
CA TYR B 265 -3.04 30.07 6.07
C TYR B 265 -1.66 30.00 5.44
N GLU B 266 -1.65 30.14 4.11
CA GLU B 266 -0.38 30.28 3.33
C GLU B 266 0.38 28.96 3.46
N ALA B 267 -0.41 27.89 3.40
CA ALA B 267 -0.01 26.49 3.36
C ALA B 267 -0.31 25.92 1.98
N PRO B 268 0.23 24.75 1.63
CA PRO B 268 -0.05 24.15 0.33
C PRO B 268 -1.52 23.72 0.15
N GLY B 269 -1.96 23.65 -1.08
CA GLY B 269 -3.18 22.90 -1.39
C GLY B 269 -3.05 21.47 -0.98
N SER B 270 -4.06 20.93 -0.33
CA SER B 270 -4.00 19.60 0.29
C SER B 270 -3.54 18.54 -0.71
N PHE B 271 -4.07 18.52 -1.92
CA PHE B 271 -3.74 17.45 -2.88
C PHE B 271 -2.25 17.43 -3.20
N ASP B 272 -1.59 18.58 -3.17
CA ASP B 272 -0.15 18.63 -3.46
C ASP B 272 0.64 17.91 -2.38
N THR B 273 0.10 17.73 -1.17
CA THR B 273 0.81 17.08 -0.04
C THR B 273 0.65 15.57 -0.09
N LEU B 274 -0.32 15.08 -0.86
CA LEU B 274 -0.74 13.67 -0.75
C LEU B 274 0.36 12.70 -1.18
N PRO B 275 1.01 12.84 -2.34
CA PRO B 275 1.96 11.80 -2.72
C PRO B 275 3.10 11.64 -1.73
N ALA B 276 3.66 12.70 -1.18
CA ALA B 276 4.78 12.56 -0.21
C ALA B 276 4.28 11.78 1.00
N ILE B 277 3.05 12.02 1.44
CA ILE B 277 2.51 11.30 2.59
C ILE B 277 2.27 9.85 2.22
N ALA B 278 1.66 9.56 1.07
CA ALA B 278 1.39 8.18 0.66
C ALA B 278 2.70 7.40 0.54
N GLU B 279 3.75 8.03 0.00
CA GLU B 279 5.05 7.35 -0.14
C GLU B 279 5.63 7.00 1.24
N ARG B 280 5.45 7.88 2.23
CA ARG B 280 6.02 7.65 3.57
C ARG B 280 5.18 6.59 4.27
N VAL B 281 3.86 6.67 4.17
CA VAL B 281 2.96 5.67 4.79
C VAL B 281 3.24 4.29 4.21
N ASN B 282 3.45 4.23 2.90
CA ASN B 282 3.88 3.00 2.21
C ASN B 282 3.00 1.81 2.63
N LYS B 283 1.69 1.97 2.58
CA LYS B 283 0.67 0.90 2.75
C LYS B 283 0.46 0.55 4.23
N ARG B 284 1.13 1.18 5.17
CA ARG B 284 1.06 0.67 6.55
C ARG B 284 -0.37 0.76 7.10
N VAL B 285 -1.06 1.82 6.76
CA VAL B 285 -2.44 2.10 7.24
C VAL B 285 -3.18 2.76 6.10
N PRO B 286 -4.53 2.67 6.10
CA PRO B 286 -5.32 3.34 5.11
C PRO B 286 -5.17 4.85 5.20
N ILE B 287 -5.34 5.47 4.05
CA ILE B 287 -5.32 6.96 3.91
C ILE B 287 -6.69 7.44 3.46
N VAL B 288 -7.24 8.36 4.22
CA VAL B 288 -8.37 9.19 3.81
C VAL B 288 -7.81 10.54 3.36
N PHE B 289 -8.24 11.04 2.23
CA PHE B 289 -7.86 12.37 1.73
C PHE B 289 -9.07 13.31 1.74
N ASP B 290 -8.86 14.52 2.18
CA ASP B 290 -9.85 15.58 1.91
C ASP B 290 -9.16 16.93 1.76
N SER B 291 -10.00 17.90 1.42
CA SER B 291 -9.85 19.36 1.41
C SER B 291 -9.81 19.78 -0.05
N GLY B 292 -10.99 20.02 -0.61
CA GLY B 292 -11.16 20.53 -1.96
C GLY B 292 -11.74 19.55 -2.97
N VAL B 293 -12.17 18.38 -2.58
CA VAL B 293 -12.79 17.42 -3.54
C VAL B 293 -14.13 17.98 -4.06
N ARG B 294 -14.22 18.23 -5.34
CA ARG B 294 -15.44 18.85 -5.96
C ARG B 294 -15.96 18.04 -7.12
N ARG B 295 -15.17 17.14 -7.70
CA ARG B 295 -15.50 16.43 -8.93
C ARG B 295 -15.11 14.97 -8.85
N GLY B 296 -15.73 14.13 -9.67
CA GLY B 296 -15.29 12.74 -9.81
C GLY B 296 -13.83 12.63 -10.22
N GLU B 297 -13.35 13.55 -11.03
CA GLU B 297 -11.92 13.57 -11.42
C GLU B 297 -11.03 13.70 -10.19
N HIS B 298 -11.49 14.42 -9.18
CA HIS B 298 -10.69 14.65 -7.94
C HIS B 298 -10.63 13.35 -7.16
N VAL B 299 -11.73 12.64 -7.09
CA VAL B 299 -11.76 11.34 -6.37
C VAL B 299 -10.78 10.41 -7.08
N ALA B 300 -10.82 10.37 -8.41
CA ALA B 300 -9.89 9.49 -9.18
C ALA B 300 -8.44 9.88 -8.92
N LYS B 301 -8.13 11.16 -8.97
CA LYS B 301 -6.74 11.65 -8.80
C LYS B 301 -6.24 11.32 -7.40
N ALA B 302 -7.07 11.44 -6.38
CA ALA B 302 -6.68 11.13 -5.01
C ALA B 302 -6.37 9.65 -4.91
N LEU B 303 -7.20 8.78 -5.47
CA LEU B 303 -6.92 7.33 -5.43
C LEU B 303 -5.66 7.01 -6.20
N ALA B 304 -5.46 7.65 -7.35
CA ALA B 304 -4.25 7.39 -8.15
C ALA B 304 -3.01 7.82 -7.38
N SER B 305 -3.15 8.71 -6.42
CA SER B 305 -2.04 9.32 -5.69
C SER B 305 -1.88 8.71 -4.30
N GLY B 306 -2.61 7.67 -3.94
CA GLY B 306 -2.36 6.95 -2.69
C GLY B 306 -3.49 6.97 -1.69
N ALA B 307 -4.57 7.73 -1.86
CA ALA B 307 -5.70 7.67 -0.95
C ALA B 307 -6.51 6.39 -1.16
N ASP B 308 -7.04 5.82 -0.08
CA ASP B 308 -7.98 4.68 -0.16
C ASP B 308 -9.38 5.22 -0.46
N VAL B 309 -9.77 6.29 0.22
CA VAL B 309 -11.05 6.99 -0.03
C VAL B 309 -10.79 8.47 0.13
N VAL B 310 -11.75 9.29 -0.28
CA VAL B 310 -11.76 10.74 0.00
C VAL B 310 -12.91 11.01 0.93
N ALA B 311 -12.85 12.13 1.60
CA ALA B 311 -13.99 12.63 2.35
C ALA B 311 -14.53 13.89 1.70
N LEU B 312 -15.86 13.98 1.69
CA LEU B 312 -16.61 15.11 1.11
C LEU B 312 -17.11 16.04 2.20
N GLY B 313 -17.10 17.33 1.93
CA GLY B 313 -17.43 18.29 2.98
C GLY B 313 -18.43 19.32 2.50
N ARG B 314 -17.93 20.48 2.12
CA ARG B 314 -18.78 21.63 1.76
C ARG B 314 -19.82 21.28 0.73
N PRO B 315 -19.53 20.58 -0.37
CA PRO B 315 -20.57 20.33 -1.36
C PRO B 315 -21.75 19.55 -0.76
N VAL B 316 -21.53 18.62 0.16
CA VAL B 316 -22.66 17.87 0.80
C VAL B 316 -23.45 18.85 1.67
N LEU B 317 -22.82 19.76 2.40
CA LEU B 317 -23.56 20.71 3.26
C LEU B 317 -24.36 21.63 2.37
N PHE B 318 -23.86 22.05 1.21
CA PHE B 318 -24.57 23.11 0.47
C PHE B 318 -26.11 22.98 0.53
N GLY B 319 -26.62 23.35 1.71
CA GLY B 319 -28.04 23.68 1.92
C GLY B 319 -28.21 25.10 2.39
N LEU B 320 -27.43 26.05 1.84
CA LEU B 320 -27.05 27.27 2.60
C LEU B 320 -26.71 28.51 1.74
N ALA B 321 -25.63 28.44 0.94
CA ALA B 321 -24.80 29.58 0.50
C ALA B 321 -25.47 30.49 -0.56
N LEU B 322 -25.20 31.81 -0.58
CA LEU B 322 -25.41 32.83 -1.66
C LEU B 322 -26.82 32.90 -2.32
N GLY B 323 -27.30 31.91 -3.09
CA GLY B 323 -28.45 32.04 -4.01
C GLY B 323 -29.76 31.38 -3.53
N GLY B 324 -30.19 30.28 -4.19
CA GLY B 324 -31.24 29.31 -3.75
C GLY B 324 -30.74 27.86 -3.70
N TRP B 325 -31.13 27.09 -2.65
CA TRP B 325 -30.31 26.05 -1.93
C TRP B 325 -30.15 24.72 -2.69
N GLN B 326 -29.11 23.93 -2.32
CA GLN B 326 -28.75 22.63 -2.97
C GLN B 326 -27.54 21.92 -2.31
N GLY B 327 -27.72 20.78 -1.59
CA GLY B 327 -26.66 19.83 -1.14
C GLY B 327 -27.03 18.86 0.00
N ALA B 328 -26.72 17.48 -0.23
CA ALA B 328 -27.37 16.15 0.20
C ALA B 328 -27.16 14.75 -0.53
N TYR B 329 -28.17 13.85 -0.59
CA TYR B 329 -28.15 12.57 -1.35
C TYR B 329 -27.86 12.86 -2.83
N SER B 330 -28.46 13.89 -3.39
CA SER B 330 -28.24 14.28 -4.82
C SER B 330 -26.74 14.52 -5.05
N VAL B 331 -26.07 15.12 -4.07
CA VAL B 331 -24.62 15.43 -4.21
C VAL B 331 -23.85 14.10 -4.17
N LEU B 332 -24.15 13.20 -3.26
CA LEU B 332 -23.48 11.87 -3.21
C LEU B 332 -23.70 11.14 -4.53
N ASP B 333 -24.93 11.16 -5.05
CA ASP B 333 -25.27 10.48 -6.34
C ASP B 333 -24.50 11.12 -7.49
N TYR B 334 -24.39 12.44 -7.51
CA TYR B 334 -23.59 13.19 -8.48
C TYR B 334 -22.16 12.64 -8.46
N PHE B 335 -21.56 12.59 -7.28
CA PHE B 335 -20.13 12.15 -7.20
C PHE B 335 -20.00 10.71 -7.71
N GLN B 336 -20.93 9.83 -7.38
CA GLN B 336 -20.88 8.44 -7.85
C GLN B 336 -20.96 8.39 -9.37
N LYS B 337 -21.91 9.11 -9.97
CA LYS B 337 -22.09 9.10 -11.44
C LYS B 337 -20.90 9.75 -12.16
N ASP B 338 -20.38 10.83 -11.58
CA ASP B 338 -19.25 11.57 -12.15
C ASP B 338 -18.02 10.64 -12.13
N LEU B 339 -17.82 9.96 -11.02
CA LEU B 339 -16.68 9.02 -10.91
C LEU B 339 -16.86 7.88 -11.92
N THR B 340 -18.09 7.36 -12.11
CA THR B 340 -18.31 6.27 -13.07
C THR B 340 -17.88 6.73 -14.46
N ARG B 341 -18.21 7.98 -14.85
CA ARG B 341 -17.80 8.46 -16.16
C ARG B 341 -16.27 8.50 -16.26
N VAL B 342 -15.62 9.05 -15.25
CA VAL B 342 -14.15 9.14 -15.25
C VAL B 342 -13.57 7.74 -15.32
N MET B 343 -14.12 6.79 -14.58
CA MET B 343 -13.62 5.39 -14.67
C MET B 343 -13.72 4.91 -16.11
N GLN B 344 -14.86 5.11 -16.78
CA GLN B 344 -14.98 4.61 -18.17
C GLN B 344 -13.92 5.22 -19.06
N LEU B 345 -13.64 6.53 -18.90
CA LEU B 345 -12.77 7.26 -19.86
C LEU B 345 -11.30 6.96 -19.55
N THR B 346 -11.00 6.55 -18.33
CA THR B 346 -9.60 6.24 -17.95
C THR B 346 -9.31 4.75 -18.06
N GLY B 347 -10.28 3.95 -18.52
CA GLY B 347 -10.07 2.49 -18.69
C GLY B 347 -10.13 1.74 -17.39
N SER B 348 -10.84 2.26 -16.40
CA SER B 348 -10.88 1.69 -15.04
C SER B 348 -12.19 0.94 -14.80
N GLN B 349 -12.10 -0.36 -14.57
CA GLN B 349 -13.28 -1.20 -14.34
C GLN B 349 -13.76 -1.06 -12.89
N ASN B 350 -12.82 -0.77 -11.98
CA ASN B 350 -13.09 -0.84 -10.54
C ASN B 350 -12.14 0.12 -9.81
N VAL B 351 -12.37 0.27 -8.51
CA VAL B 351 -11.65 1.31 -7.73
C VAL B 351 -10.17 0.96 -7.64
N GLU B 352 -9.83 -0.32 -7.61
CA GLU B 352 -8.41 -0.72 -7.61
C GLU B 352 -7.76 -0.21 -8.89
N ASP B 353 -8.41 -0.30 -10.04
CA ASP B 353 -7.81 0.17 -11.30
C ASP B 353 -7.47 1.67 -11.17
N LEU B 354 -8.34 2.48 -10.54
CA LEU B 354 -8.06 3.92 -10.34
C LEU B 354 -6.76 4.12 -9.57
N LYS B 355 -6.47 3.21 -8.64
CA LYS B 355 -5.24 3.35 -7.82
C LYS B 355 -4.01 3.17 -8.72
N GLY B 356 -4.14 2.52 -9.87
CA GLY B 356 -3.00 2.33 -10.77
C GLY B 356 -2.86 3.38 -11.84
N LEU B 357 -3.65 4.44 -11.86
CA LEU B 357 -3.51 5.42 -12.95
C LEU B 357 -2.21 6.21 -12.85
N ASP B 358 -1.60 6.44 -14.01
CA ASP B 358 -0.51 7.42 -14.13
C ASP B 358 -1.14 8.77 -14.46
N LEU B 359 -0.63 9.82 -13.86
CA LEU B 359 -1.11 11.21 -14.08
C LEU B 359 -0.07 11.97 -14.86
N PHE B 360 -0.54 12.94 -15.64
CA PHE B 360 0.28 13.88 -16.40
C PHE B 360 0.72 15.00 -15.47
N ASP B 361 2.01 15.25 -15.36
CA ASP B 361 2.52 16.39 -14.54
C ASP B 361 2.38 17.66 -15.35
N ASN B 362 1.63 18.61 -14.82
CA ASN B 362 1.42 19.94 -15.37
C ASN B 362 2.26 20.95 -14.60
N PRO B 363 3.47 21.31 -15.08
CA PRO B 363 4.32 22.24 -14.32
C PRO B 363 3.86 23.70 -14.44
N TYR B 364 2.96 24.01 -15.36
CA TYR B 364 2.46 25.38 -15.59
C TYR B 364 1.34 25.72 -14.60
N GLY B 365 0.76 24.74 -13.95
CA GLY B 365 -0.32 24.96 -12.97
C GLY B 365 -1.54 25.55 -13.64
N TYR B 366 -2.31 26.33 -12.89
CA TYR B 366 -3.71 26.62 -13.24
C TYR B 366 -3.85 27.42 -14.53
N GLU B 367 -3.02 28.43 -14.79
CA GLU B 367 -3.22 29.25 -15.99
C GLU B 367 -2.62 28.57 -17.23
N TYR B 368 -1.87 27.48 -17.08
CA TYR B 368 -1.42 26.67 -18.25
C TYR B 368 -0.56 27.41 -19.33
#